data_3KFT
#
_entry.id   3KFT
#
_cell.length_a   57.150
_cell.length_b   57.150
_cell.length_c   410.850
_cell.angle_alpha   90.00
_cell.angle_beta   90.00
_cell.angle_gamma   120.00
#
_symmetry.space_group_name_H-M   'P 65'
#
loop_
_entity.id
_entity.type
_entity.pdbx_description
1 polymer 'Pentaerythritol tetranitrate reductase'
2 non-polymer 'FLAVIN MONONUCLEOTIDE'
3 non-polymer NICOTINAMIDE-ADENINE-DINUCLEOTIDE
4 water water
#
_entity_poly.entity_id   1
_entity_poly.type   'polypeptide(L)'
_entity_poly.pdbx_seq_one_letter_code
;SAEKLFTPLKVGAVTAPNRVFMAPLTRLRSIEPGDIPTPLMGEYYRQRASAGLIISEATQISAQAKGYAGAPGLHSPEQI
AAWKKITAGVHAEDGRIAVQLWHTGRISHSSIQPGGQAPVSASALNANTRTSLRDENGNAIRVDTTTPRALELDEIPGIV
NDFRQAVANAREAGFDLVELHSAHGYLLHQFLSPSSNQRTDQYGGSVENRARLVLEVVDAVCNEWSADRIGIRVSPIGTF
QNVDNGPNEEADALYLIEELAKRGIAYLHMSETDLAGGKPYSEAFRQKVRERFHGVIIGAGAYTAEKAEDLIGKGLIDAV
AFGRDYIANPDLVARLQKKAELNPQRPESFYGGGAEGYTDYPSL
;
_entity_poly.pdbx_strand_id   A,B
#
# COMPACT_ATOMS: atom_id res chain seq x y z
N GLU A 3 -25.89 0.03 10.05
CA GLU A 3 -26.19 0.33 11.45
C GLU A 3 -25.77 1.75 11.84
N LYS A 4 -24.80 1.85 12.74
CA LYS A 4 -24.54 3.14 13.38
C LYS A 4 -23.74 4.13 12.55
N LEU A 5 -23.04 3.60 11.56
CA LEU A 5 -22.18 4.41 10.70
C LEU A 5 -22.91 5.63 10.13
N PHE A 6 -24.24 5.56 10.05
CA PHE A 6 -24.98 6.60 9.35
C PHE A 6 -25.81 7.49 10.28
N THR A 7 -25.51 7.42 11.57
CA THR A 7 -26.19 8.26 12.55
C THR A 7 -25.40 9.55 12.76
N PRO A 8 -26.03 10.55 13.32
CA PRO A 8 -25.37 11.84 13.51
C PRO A 8 -24.33 11.83 14.60
N LEU A 9 -23.43 12.79 14.58
CA LEU A 9 -22.40 12.87 15.61
C LEU A 9 -22.04 14.32 15.78
N LYS A 10 -22.03 14.81 17.01
CA LYS A 10 -21.57 16.18 17.24
C LYS A 10 -20.05 16.20 17.38
N VAL A 11 -19.37 16.98 16.55
CA VAL A 11 -17.93 17.12 16.63
C VAL A 11 -17.63 18.59 16.96
N GLY A 12 -17.41 18.87 18.24
CA GLY A 12 -17.16 20.24 18.68
C GLY A 12 -18.23 21.17 18.17
N ALA A 13 -17.84 22.18 17.40
CA ALA A 13 -18.80 23.21 16.99
C ALA A 13 -19.71 22.77 15.84
N VAL A 14 -19.51 21.56 15.30
CA VAL A 14 -20.43 21.15 14.25
C VAL A 14 -21.08 19.82 14.56
N THR A 15 -22.17 19.52 13.85
CA THR A 15 -22.74 18.20 13.90
C THR A 15 -22.65 17.52 12.53
N ALA A 16 -22.04 16.34 12.48
CA ALA A 16 -22.00 15.59 11.24
C ALA A 16 -23.25 14.74 11.12
N PRO A 17 -23.90 14.76 9.95
CA PRO A 17 -25.04 13.90 9.61
C PRO A 17 -24.73 12.39 9.67
N ASN A 18 -23.45 12.01 9.59
CA ASN A 18 -23.06 10.62 9.58
C ASN A 18 -21.58 10.47 10.01
N ARG A 19 -21.09 9.25 10.17
CA ARG A 19 -19.70 9.04 10.60
C ARG A 19 -18.71 8.65 9.49
N VAL A 20 -19.04 8.95 8.23
CA VAL A 20 -18.15 8.69 7.09
C VAL A 20 -17.42 9.98 6.74
N PHE A 21 -16.22 10.12 7.29
CA PHE A 21 -15.41 11.32 7.07
C PHE A 21 -14.40 11.14 5.93
N MET A 22 -14.12 12.24 5.24
CA MET A 22 -13.10 12.25 4.22
C MET A 22 -11.77 12.71 4.83
N ALA A 23 -10.78 11.82 4.79
CA ALA A 23 -9.46 12.00 5.42
C ALA A 23 -8.68 13.08 4.71
N PRO A 24 -7.72 13.72 5.40
CA PRO A 24 -6.92 14.70 4.62
C PRO A 24 -6.10 13.97 3.55
N LEU A 25 -6.08 14.53 2.33
CA LEU A 25 -5.55 13.95 1.13
C LEU A 25 -4.80 14.98 0.29
N THR A 26 -3.48 14.95 0.42
CA THR A 26 -2.57 15.81 -0.34
C THR A 26 -2.68 15.42 -1.79
N ARG A 27 -3.07 16.35 -2.67
CA ARG A 27 -3.27 16.04 -4.10
C ARG A 27 -2.47 16.94 -4.99
N LEU A 28 -1.93 18.04 -4.45
CA LEU A 28 -0.81 18.71 -5.11
C LEU A 28 -1.18 19.43 -6.42
N ARG A 29 -2.37 19.99 -6.46
CA ARG A 29 -2.88 20.58 -7.67
C ARG A 29 -3.03 22.10 -7.54
N SER A 30 -2.41 22.69 -6.52
CA SER A 30 -2.46 24.13 -6.32
C SER A 30 -1.59 24.90 -7.31
N ILE A 31 -1.84 26.19 -7.37
CA ILE A 31 -1.15 27.08 -8.28
C ILE A 31 0.17 27.53 -7.69
N GLU A 32 1.23 27.39 -8.45
CA GLU A 32 2.49 28.01 -8.09
C GLU A 32 2.84 28.98 -9.19
N PRO A 33 3.39 30.16 -8.81
CA PRO A 33 3.71 30.54 -7.43
C PRO A 33 2.48 30.85 -6.58
N GLY A 34 2.66 30.82 -5.27
CA GLY A 34 1.62 31.34 -4.39
C GLY A 34 0.88 30.29 -3.61
N ASP A 35 1.00 29.04 -4.03
CA ASP A 35 0.39 27.90 -3.36
C ASP A 35 -1.10 28.14 -3.14
N ILE A 36 -1.77 28.51 -4.22
CA ILE A 36 -3.15 28.88 -4.22
C ILE A 36 -4.14 27.81 -4.64
N PRO A 37 -5.10 27.54 -3.79
CA PRO A 37 -6.22 26.67 -4.12
C PRO A 37 -6.87 27.14 -5.42
N THR A 38 -7.59 26.25 -6.09
CA THR A 38 -8.25 26.53 -7.35
C THR A 38 -9.70 26.16 -7.32
N PRO A 39 -10.49 26.65 -8.25
CA PRO A 39 -11.87 26.24 -8.35
C PRO A 39 -11.98 24.76 -8.67
N LEU A 40 -10.98 24.21 -9.29
CA LEU A 40 -11.03 22.78 -9.57
C LEU A 40 -11.05 22.05 -8.23
N MET A 41 -10.16 22.50 -7.33
CA MET A 41 -10.08 21.95 -5.98
C MET A 41 -11.44 22.14 -5.35
N GLY A 42 -12.03 23.33 -5.59
CA GLY A 42 -13.37 23.60 -5.12
C GLY A 42 -14.42 22.62 -5.61
N GLU A 43 -14.42 22.32 -6.91
CA GLU A 43 -15.33 21.30 -7.46
C GLU A 43 -15.06 19.92 -6.82
N TYR A 44 -13.78 19.57 -6.68
CA TYR A 44 -13.44 18.31 -6.01
C TYR A 44 -14.06 18.17 -4.61
N TYR A 45 -13.93 19.19 -3.76
CA TYR A 45 -14.46 19.12 -2.38
C TYR A 45 -16.01 19.18 -2.36
N ARG A 46 -16.56 20.04 -3.21
CA ARG A 46 -18.00 20.10 -3.36
C ARG A 46 -18.61 18.74 -3.70
N GLN A 47 -17.96 18.04 -4.64
CA GLN A 47 -18.36 16.66 -5.01
C GLN A 47 -18.48 15.71 -3.84
N ARG A 48 -17.69 15.97 -2.79
CA ARG A 48 -17.70 15.04 -1.66
C ARG A 48 -18.38 15.59 -0.40
N ALA A 49 -19.20 16.62 -0.61
CA ALA A 49 -19.80 17.29 0.52
C ALA A 49 -20.81 16.45 1.31
N SER A 50 -21.19 15.25 0.86
CA SER A 50 -22.09 14.41 1.68
C SER A 50 -21.36 13.75 2.82
N ALA A 51 -20.04 13.90 2.81
CA ALA A 51 -19.25 13.41 3.93
C ALA A 51 -19.74 13.93 5.26
N GLY A 52 -19.76 13.09 6.28
CA GLY A 52 -20.06 13.58 7.63
C GLY A 52 -19.19 14.81 7.89
N LEU A 53 -17.90 14.70 7.60
CA LEU A 53 -16.97 15.83 7.65
C LEU A 53 -15.89 15.71 6.58
N ILE A 54 -15.62 16.80 5.91
CA ILE A 54 -14.49 16.85 5.00
C ILE A 54 -13.25 17.38 5.73
N ILE A 55 -12.13 16.69 5.64
CA ILE A 55 -10.86 17.22 6.17
C ILE A 55 -9.95 17.49 4.96
N SER A 56 -9.57 18.77 4.76
CA SER A 56 -8.76 19.12 3.61
C SER A 56 -7.39 18.50 3.62
N GLU A 57 -6.77 18.53 2.44
CA GLU A 57 -5.37 18.26 2.30
C GLU A 57 -4.57 19.10 3.30
N ALA A 58 -3.43 18.60 3.79
CA ALA A 58 -2.50 19.42 4.56
C ALA A 58 -2.24 20.76 3.89
N THR A 59 -2.23 21.82 4.70
CA THR A 59 -2.14 23.16 4.17
C THR A 59 -1.08 23.92 4.96
N GLN A 60 -0.14 24.56 4.28
CA GLN A 60 0.98 25.22 4.99
C GLN A 60 0.50 26.30 5.93
N ILE A 61 1.03 26.39 7.14
CA ILE A 61 0.71 27.55 7.97
C ILE A 61 1.56 28.78 7.58
N SER A 62 2.50 28.58 6.68
CA SER A 62 3.48 29.62 6.35
C SER A 62 4.21 29.15 5.11
N ALA A 63 4.95 30.04 4.45
CA ALA A 63 5.76 29.67 3.28
C ALA A 63 6.93 28.82 3.73
N GLN A 64 7.39 29.07 4.94
CA GLN A 64 8.42 28.21 5.49
C GLN A 64 7.90 26.78 5.68
N ALA A 65 6.62 26.63 6.00
CA ALA A 65 5.98 25.30 6.20
C ALA A 65 6.00 24.40 4.97
N LYS A 66 6.19 24.99 3.80
CA LYS A 66 6.08 24.26 2.54
C LYS A 66 7.17 23.21 2.33
N GLY A 67 6.75 21.97 2.01
CA GLY A 67 7.71 20.91 1.66
C GLY A 67 7.39 20.17 0.35
N TYR A 68 6.25 20.50 -0.27
CA TYR A 68 5.76 19.82 -1.46
C TYR A 68 5.31 20.86 -2.46
N ALA A 69 5.86 20.82 -3.67
CA ALA A 69 5.35 21.65 -4.74
C ALA A 69 3.91 21.25 -5.01
N GLY A 70 3.01 22.22 -4.91
CA GLY A 70 1.60 22.01 -5.21
C GLY A 70 0.65 21.92 -4.04
N ALA A 71 1.17 21.84 -2.79
CA ALA A 71 0.34 21.84 -1.59
C ALA A 71 -0.09 23.28 -1.36
N PRO A 72 -1.35 23.49 -0.99
CA PRO A 72 -1.86 24.87 -0.82
C PRO A 72 -1.32 25.46 0.47
N GLY A 73 -1.39 26.79 0.61
CA GLY A 73 -1.14 27.49 1.86
C GLY A 73 -2.37 28.21 2.41
N LEU A 74 -2.26 28.66 3.65
CA LEU A 74 -3.32 29.44 4.29
C LEU A 74 -2.72 30.63 5.03
N HIS A 75 -1.74 31.27 4.41
CA HIS A 75 -1.04 32.39 5.07
C HIS A 75 -1.14 33.73 4.33
N SER A 76 -1.59 33.70 3.08
CA SER A 76 -1.70 34.89 2.26
C SER A 76 -3.15 35.27 1.99
N PRO A 77 -3.38 36.54 1.64
CA PRO A 77 -4.72 36.99 1.24
C PRO A 77 -5.19 36.26 -0.04
N GLU A 78 -4.28 36.03 -0.98
CA GLU A 78 -4.59 35.28 -2.20
C GLU A 78 -5.12 33.91 -1.84
N GLN A 79 -4.41 33.25 -0.93
CA GLN A 79 -4.82 31.95 -0.40
C GLN A 79 -6.14 31.97 0.39
N ILE A 80 -6.32 32.96 1.26
CA ILE A 80 -7.52 32.99 2.07
C ILE A 80 -8.73 33.22 1.18
N ALA A 81 -8.62 34.17 0.24
CA ALA A 81 -9.74 34.42 -0.68
C ALA A 81 -10.07 33.14 -1.48
N ALA A 82 -9.06 32.46 -1.99
CA ALA A 82 -9.36 31.26 -2.78
C ALA A 82 -10.05 30.19 -1.94
N TRP A 83 -9.61 30.02 -0.70
CA TRP A 83 -10.22 29.02 0.18
C TRP A 83 -11.65 29.37 0.50
N LYS A 84 -11.88 30.67 0.72
CA LYS A 84 -13.23 31.17 1.05
C LYS A 84 -14.25 30.64 0.08
N LYS A 85 -13.90 30.74 -1.21
CA LYS A 85 -14.79 30.26 -2.25
C LYS A 85 -15.03 28.75 -2.13
N ILE A 86 -13.95 28.01 -1.89
CA ILE A 86 -14.06 26.55 -1.67
C ILE A 86 -14.93 26.16 -0.47
N THR A 87 -14.78 26.86 0.65
CA THR A 87 -15.60 26.51 1.82
C THR A 87 -17.03 26.89 1.53
N ALA A 88 -17.21 28.06 0.90
CA ALA A 88 -18.56 28.49 0.52
C ALA A 88 -19.28 27.39 -0.28
N GLY A 89 -18.63 26.90 -1.33
CA GLY A 89 -19.15 25.77 -2.12
C GLY A 89 -19.58 24.58 -1.31
N VAL A 90 -18.74 24.13 -0.37
CA VAL A 90 -19.10 22.99 0.44
C VAL A 90 -20.35 23.28 1.25
N HIS A 91 -20.40 24.53 1.72
CA HIS A 91 -21.48 24.97 2.60
C HIS A 91 -22.79 25.08 1.85
N ALA A 92 -22.70 25.51 0.59
CA ALA A 92 -23.86 25.48 -0.30
C ALA A 92 -24.41 24.07 -0.48
N GLU A 93 -23.53 23.05 -0.52
CA GLU A 93 -24.00 21.68 -0.58
C GLU A 93 -24.39 21.13 0.78
N ASP A 94 -24.50 21.98 1.80
CA ASP A 94 -24.72 21.53 3.18
C ASP A 94 -23.64 20.58 3.76
N GLY A 95 -22.39 20.78 3.34
CA GLY A 95 -21.30 20.01 3.93
C GLY A 95 -20.60 20.73 5.07
N ARG A 96 -19.60 20.09 5.67
CA ARG A 96 -18.73 20.70 6.69
C ARG A 96 -17.28 20.43 6.32
N ILE A 97 -16.43 21.44 6.46
CA ILE A 97 -15.02 21.25 6.10
C ILE A 97 -13.97 21.76 7.10
N ALA A 98 -13.03 20.90 7.51
CA ALA A 98 -12.01 21.30 8.44
C ALA A 98 -10.77 21.49 7.59
N VAL A 99 -9.89 22.42 7.97
CA VAL A 99 -8.61 22.53 7.29
C VAL A 99 -7.56 21.81 8.15
N GLN A 100 -6.79 20.91 7.55
CA GLN A 100 -5.64 20.34 8.26
C GLN A 100 -4.42 21.24 8.07
N LEU A 101 -3.81 21.69 9.16
CA LEU A 101 -2.67 22.60 9.03
C LEU A 101 -1.38 21.89 9.40
N TRP A 102 -0.34 22.07 8.59
CA TRP A 102 0.98 21.54 8.90
C TRP A 102 2.10 22.53 8.68
N HIS A 103 3.21 22.16 9.28
CA HIS A 103 4.51 22.60 8.87
C HIS A 103 5.23 21.28 8.52
N THR A 104 5.80 21.17 7.34
CA THR A 104 6.42 19.89 6.95
C THR A 104 7.78 19.64 7.61
N GLY A 105 8.35 20.64 8.26
CA GLY A 105 9.67 20.48 8.84
C GLY A 105 10.67 19.91 7.86
N ARG A 106 11.36 18.86 8.30
CA ARG A 106 12.45 18.31 7.48
C ARG A 106 11.99 17.61 6.22
N ILE A 107 10.69 17.29 6.11
CA ILE A 107 10.22 16.71 4.86
C ILE A 107 9.93 17.80 3.85
N SER A 108 10.99 18.29 3.24
CA SER A 108 10.91 19.41 2.30
C SER A 108 12.18 19.43 1.45
N HIS A 109 12.33 20.44 0.60
CA HIS A 109 13.52 20.57 -0.21
C HIS A 109 13.90 22.04 -0.24
N SER A 110 15.20 22.32 -0.13
CA SER A 110 15.70 23.69 -0.12
C SER A 110 15.13 24.48 -1.29
N SER A 111 15.02 23.79 -2.43
CA SER A 111 14.69 24.45 -3.69
C SER A 111 13.32 25.11 -3.64
N ILE A 112 12.45 24.63 -2.77
CA ILE A 112 11.16 25.32 -2.58
C ILE A 112 11.01 26.08 -1.24
N GLN A 113 12.11 26.33 -0.53
CA GLN A 113 12.06 27.13 0.70
C GLN A 113 12.36 28.60 0.39
N PRO A 114 11.77 29.53 1.16
CA PRO A 114 12.24 30.92 1.12
C PRO A 114 13.78 31.01 1.06
N GLY A 115 14.30 31.73 0.07
CA GLY A 115 15.72 31.96 -0.06
C GLY A 115 16.56 30.74 -0.40
N GLY A 116 15.89 29.67 -0.82
CA GLY A 116 16.59 28.44 -1.14
C GLY A 116 17.32 27.89 0.06
N GLN A 117 16.89 28.29 1.26
CA GLN A 117 17.43 27.76 2.50
C GLN A 117 17.09 26.31 2.82
N ALA A 118 17.90 25.70 3.68
CA ALA A 118 17.56 24.46 4.36
C ALA A 118 16.24 24.54 5.16
N PRO A 119 15.42 23.47 5.12
CA PRO A 119 14.20 23.52 5.95
C PRO A 119 14.55 23.31 7.42
N VAL A 120 13.59 23.43 8.32
CA VAL A 120 13.91 23.40 9.74
C VAL A 120 13.33 22.16 10.34
N SER A 121 13.83 21.79 11.50
CA SER A 121 13.32 20.64 12.25
C SER A 121 13.68 20.80 13.73
N ALA A 122 13.39 19.78 14.53
CA ALA A 122 13.85 19.76 15.92
C ALA A 122 15.38 19.65 15.98
N SER A 123 15.93 18.84 15.06
CA SER A 123 17.37 18.54 15.01
C SER A 123 17.90 18.52 13.54
N ALA A 124 19.20 18.37 13.38
CA ALA A 124 19.78 18.37 12.05
C ALA A 124 19.92 16.94 11.53
N LEU A 125 18.82 16.33 11.11
CA LEU A 125 18.90 14.95 10.66
C LEU A 125 18.03 14.76 9.45
N ASN A 126 18.58 14.15 8.42
CA ASN A 126 17.81 13.95 7.21
C ASN A 126 16.63 13.03 7.48
N ALA A 127 15.50 13.41 6.93
CA ALA A 127 14.31 12.58 7.00
C ALA A 127 14.57 11.23 6.34
N ASN A 128 15.56 11.21 5.46
CA ASN A 128 15.90 9.98 4.77
C ASN A 128 14.67 9.40 4.07
N THR A 129 13.89 10.28 3.44
CA THR A 129 12.74 9.87 2.61
C THR A 129 12.58 10.87 1.46
N ARG A 130 11.46 10.82 0.76
CA ARG A 130 11.29 11.73 -0.38
C ARG A 130 10.08 12.65 -0.21
N THR A 131 10.07 13.78 -0.94
CA THR A 131 8.93 14.66 -0.96
C THR A 131 8.56 14.74 -2.41
N SER A 132 7.47 15.44 -2.71
CA SER A 132 7.06 15.56 -4.09
C SER A 132 7.24 17.00 -4.63
N LEU A 133 8.06 17.11 -5.67
CA LEU A 133 8.30 18.41 -6.30
C LEU A 133 7.72 18.40 -7.71
N ARG A 134 7.96 19.48 -8.45
CA ARG A 134 7.46 19.58 -9.81
C ARG A 134 8.61 19.79 -10.78
N ASP A 135 8.54 19.13 -11.94
CA ASP A 135 9.56 19.35 -12.95
C ASP A 135 9.23 20.58 -13.76
N GLU A 136 10.02 20.80 -14.80
CA GLU A 136 9.89 21.96 -15.66
C GLU A 136 8.51 22.00 -16.27
N ASN A 137 7.99 20.82 -16.56
CA ASN A 137 6.70 20.72 -17.22
C ASN A 137 5.58 20.73 -16.17
N GLY A 138 5.94 20.99 -14.91
CA GLY A 138 4.97 21.02 -13.83
C GLY A 138 4.34 19.69 -13.45
N ASN A 139 4.96 18.60 -13.88
CA ASN A 139 4.51 17.29 -13.43
C ASN A 139 5.17 16.99 -12.10
N ALA A 140 4.49 16.19 -11.29
CA ALA A 140 5.00 15.82 -9.97
C ALA A 140 6.17 14.83 -10.09
N ILE A 141 7.21 15.00 -9.28
CA ILE A 141 8.35 14.08 -9.23
C ILE A 141 8.72 13.85 -7.79
N ARG A 142 9.14 12.64 -7.45
CA ARG A 142 9.67 12.36 -6.11
C ARG A 142 11.15 12.74 -6.03
N VAL A 143 11.54 13.39 -4.93
CA VAL A 143 12.91 13.87 -4.76
C VAL A 143 13.40 13.60 -3.34
N ASP A 144 14.68 13.26 -3.20
CA ASP A 144 15.30 13.11 -1.88
C ASP A 144 15.24 14.41 -1.06
N THR A 145 14.96 14.28 0.23
CA THR A 145 14.74 15.48 1.06
C THR A 145 16.06 16.11 1.49
N THR A 146 16.01 17.42 1.67
CA THR A 146 17.14 18.19 2.15
C THR A 146 17.39 18.01 3.67
N THR A 147 18.66 18.02 4.05
CA THR A 147 19.04 17.99 5.48
C THR A 147 18.58 19.28 6.16
N PRO A 148 17.91 19.14 7.31
CA PRO A 148 17.33 20.34 7.90
C PRO A 148 18.35 21.03 8.79
N ARG A 149 18.08 22.32 8.99
CA ARG A 149 18.58 23.09 10.14
C ARG A 149 17.73 22.89 11.42
N ALA A 150 18.41 22.68 12.53
CA ALA A 150 17.75 22.54 13.80
C ALA A 150 17.23 23.91 14.22
N LEU A 151 15.97 24.03 14.63
CA LEU A 151 15.46 25.32 15.08
C LEU A 151 16.22 25.81 16.30
N GLU A 152 16.59 27.10 16.27
CA GLU A 152 17.06 27.82 17.42
C GLU A 152 15.92 27.90 18.43
N LEU A 153 16.27 27.78 19.71
CA LEU A 153 15.28 27.92 20.78
C LEU A 153 14.39 29.13 20.60
N ASP A 154 14.98 30.25 20.24
CA ASP A 154 14.24 31.49 20.19
C ASP A 154 13.41 31.62 18.90
N GLU A 155 13.43 30.59 18.07
CA GLU A 155 12.56 30.60 16.88
C GLU A 155 11.20 29.93 17.13
N ILE A 156 11.07 29.27 18.26
CA ILE A 156 9.96 28.38 18.50
C ILE A 156 8.69 29.19 18.61
N PRO A 157 8.70 30.28 19.41
CA PRO A 157 7.54 31.18 19.47
C PRO A 157 7.06 31.63 18.08
N GLY A 158 7.96 31.84 17.15
CA GLY A 158 7.53 32.14 15.79
C GLY A 158 6.71 31.00 15.19
N ILE A 159 7.11 29.76 15.46
CA ILE A 159 6.32 28.62 14.95
C ILE A 159 4.91 28.57 15.57
N VAL A 160 4.86 28.67 16.90
CA VAL A 160 3.59 28.66 17.61
C VAL A 160 2.69 29.79 17.05
N ASN A 161 3.24 30.98 16.91
CA ASN A 161 2.50 32.09 16.34
C ASN A 161 1.98 31.79 14.92
N ASP A 162 2.76 31.07 14.12
CA ASP A 162 2.32 30.74 12.77
C ASP A 162 1.05 29.86 12.78
N PHE A 163 1.01 28.86 13.65
CA PHE A 163 -0.20 28.05 13.84
C PHE A 163 -1.37 28.94 14.31
N ARG A 164 -1.10 29.85 15.23
CA ARG A 164 -2.18 30.71 15.73
C ARG A 164 -2.79 31.52 14.59
N GLN A 165 -1.93 32.22 13.87
CA GLN A 165 -2.33 33.05 12.74
C GLN A 165 -3.03 32.25 11.62
N ALA A 166 -2.49 31.06 11.31
CA ALA A 166 -3.10 30.21 10.32
C ALA A 166 -4.48 29.84 10.77
N VAL A 167 -4.67 29.70 12.09
CA VAL A 167 -5.99 29.34 12.64
C VAL A 167 -6.98 30.49 12.48
N ALA A 168 -6.52 31.69 12.82
CA ALA A 168 -7.32 32.91 12.59
C ALA A 168 -7.70 32.96 11.11
N ASN A 169 -6.74 32.67 10.21
CA ASN A 169 -7.02 32.67 8.77
C ASN A 169 -8.04 31.59 8.40
N ALA A 170 -7.98 30.45 9.09
CA ALA A 170 -8.94 29.39 8.84
C ALA A 170 -10.34 29.93 9.11
N ARG A 171 -10.51 30.57 10.25
CA ARG A 171 -11.80 31.11 10.63
C ARG A 171 -12.22 32.25 9.68
N GLU A 172 -11.28 33.07 9.25
CA GLU A 172 -11.60 34.06 8.23
C GLU A 172 -12.09 33.38 6.96
N ALA A 173 -11.38 32.34 6.49
CA ALA A 173 -11.71 31.66 5.22
C ALA A 173 -12.99 30.82 5.19
N GLY A 174 -13.61 30.61 6.33
CA GLY A 174 -14.83 29.82 6.35
C GLY A 174 -14.86 28.40 6.92
N PHE A 175 -13.71 27.75 7.07
CA PHE A 175 -13.65 26.38 7.63
C PHE A 175 -14.42 26.27 8.92
N ASP A 176 -15.02 25.11 9.14
CA ASP A 176 -15.76 24.87 10.37
C ASP A 176 -14.89 24.43 11.53
N LEU A 177 -13.73 23.80 11.22
CA LEU A 177 -12.78 23.24 12.21
C LEU A 177 -11.35 23.30 11.72
N VAL A 178 -10.42 23.05 12.63
CA VAL A 178 -9.01 23.01 12.25
C VAL A 178 -8.47 21.69 12.77
N GLU A 179 -7.75 21.00 11.91
CA GLU A 179 -7.05 19.81 12.32
C GLU A 179 -5.53 20.09 12.36
N LEU A 180 -4.94 19.96 13.53
CA LEU A 180 -3.50 20.14 13.64
C LEU A 180 -2.78 18.88 13.10
N HIS A 181 -1.87 19.05 12.14
CA HIS A 181 -1.17 17.89 11.61
C HIS A 181 0.04 17.53 12.51
N SER A 182 -0.17 16.65 13.48
CA SER A 182 0.86 16.23 14.42
C SER A 182 1.32 14.74 14.21
N ALA A 183 1.20 14.30 12.96
CA ALA A 183 1.45 12.91 12.57
C ALA A 183 2.39 12.79 11.39
N HIS A 184 2.63 11.57 10.93
CA HIS A 184 3.34 11.33 9.67
C HIS A 184 4.73 11.95 9.53
N GLY A 185 5.38 12.19 10.65
CA GLY A 185 6.76 12.66 10.58
C GLY A 185 6.95 14.10 10.09
N TYR A 186 5.90 14.90 10.14
CA TYR A 186 6.05 16.33 9.85
C TYR A 186 6.51 17.07 11.12
N LEU A 187 6.51 18.40 11.09
CA LEU A 187 7.24 19.16 12.13
C LEU A 187 6.88 18.83 13.57
N LEU A 188 5.57 18.75 13.85
CA LEU A 188 5.14 18.51 15.22
C LEU A 188 5.60 17.13 15.62
N HIS A 189 5.52 16.19 14.70
CA HIS A 189 5.84 14.80 15.00
C HIS A 189 7.36 14.68 15.10
N GLN A 190 8.06 15.46 14.30
CA GLN A 190 9.54 15.48 14.38
C GLN A 190 9.99 15.86 15.80
N PHE A 191 9.23 16.75 16.43
CA PHE A 191 9.43 17.03 17.87
C PHE A 191 8.99 15.91 18.77
N LEU A 192 7.90 15.23 18.44
CA LEU A 192 7.39 14.22 19.35
C LEU A 192 8.31 12.98 19.44
N SER A 193 9.05 12.71 18.35
CA SER A 193 9.81 11.46 18.25
C SER A 193 11.25 11.53 18.73
N PRO A 194 11.61 10.60 19.63
CA PRO A 194 13.02 10.47 20.02
C PRO A 194 13.87 10.34 18.75
N SER A 195 13.43 9.54 17.79
CA SER A 195 14.19 9.35 16.57
C SER A 195 14.61 10.61 15.85
N SER A 196 13.76 11.63 15.82
CA SER A 196 14.09 12.81 15.04
C SER A 196 14.43 13.99 15.96
N ASN A 197 14.13 13.82 17.24
CA ASN A 197 14.41 14.88 18.23
C ASN A 197 15.58 14.51 19.15
N GLN A 198 16.73 15.15 18.93
CA GLN A 198 17.90 15.02 19.80
C GLN A 198 18.31 16.36 20.45
N ARG A 199 17.34 17.23 20.71
CA ARG A 199 17.65 18.50 21.34
C ARG A 199 17.95 18.22 22.81
N THR A 200 18.66 19.15 23.44
CA THR A 200 19.05 19.01 24.84
C THR A 200 18.46 20.16 25.63
N ASP A 201 17.78 21.07 24.92
CA ASP A 201 17.01 22.11 25.55
C ASP A 201 15.66 21.57 26.06
N GLN A 202 14.77 22.47 26.50
CA GLN A 202 13.50 22.06 27.09
C GLN A 202 12.55 21.45 26.05
N TYR A 203 12.96 21.46 24.78
CA TYR A 203 12.14 20.88 23.73
C TYR A 203 12.59 19.48 23.35
N GLY A 204 13.58 18.95 24.08
CA GLY A 204 14.16 17.62 23.83
C GLY A 204 14.28 16.72 25.06
N GLY A 205 14.50 15.43 24.86
CA GLY A 205 14.68 14.54 26.01
C GLY A 205 13.43 13.82 26.45
N SER A 206 12.97 14.12 27.66
CA SER A 206 11.81 13.47 28.19
C SER A 206 10.60 13.59 27.24
N VAL A 207 9.61 12.74 27.46
CA VAL A 207 8.36 12.79 26.69
C VAL A 207 7.68 14.15 26.94
N GLU A 208 7.64 14.60 28.19
CA GLU A 208 7.10 15.92 28.44
C GLU A 208 7.82 17.00 27.60
N ASN A 209 9.14 16.90 27.46
CA ASN A 209 9.86 17.87 26.65
C ASN A 209 9.57 17.74 25.16
N ARG A 210 9.36 16.51 24.70
CA ARG A 210 9.16 16.23 23.28
CA ARG A 210 9.19 16.29 23.27
C ARG A 210 7.78 16.77 22.87
N ALA A 211 6.83 16.60 23.75
CA ALA A 211 5.45 17.02 23.56
C ALA A 211 5.17 18.54 23.83
N ARG A 212 6.15 19.27 24.35
CA ARG A 212 5.98 20.69 24.69
C ARG A 212 5.49 21.53 23.50
N LEU A 213 6.13 21.37 22.34
CA LEU A 213 5.79 22.22 21.20
C LEU A 213 4.36 21.98 20.77
N VAL A 214 3.99 20.72 20.61
CA VAL A 214 2.63 20.43 20.22
C VAL A 214 1.62 20.95 21.22
N LEU A 215 1.91 20.81 22.52
CA LEU A 215 0.96 21.31 23.52
C LEU A 215 0.85 22.84 23.63
N GLU A 216 1.94 23.56 23.34
CA GLU A 216 1.90 25.02 23.25
C GLU A 216 1.10 25.44 22.00
N VAL A 217 1.17 24.66 20.92
CA VAL A 217 0.38 24.96 19.73
C VAL A 217 -1.09 24.77 20.05
N VAL A 218 -1.38 23.73 20.82
CA VAL A 218 -2.76 23.41 21.09
C VAL A 218 -3.37 24.52 21.94
N ASP A 219 -2.61 24.99 22.93
CA ASP A 219 -3.08 26.07 23.80
C ASP A 219 -3.20 27.42 23.08
N ALA A 220 -2.24 27.71 22.21
CA ALA A 220 -2.29 28.95 21.44
C ALA A 220 -3.53 29.01 20.57
N VAL A 221 -3.86 27.88 19.94
CA VAL A 221 -5.00 27.86 19.04
C VAL A 221 -6.33 27.68 19.77
N CYS A 222 -6.36 27.08 20.96
CA CYS A 222 -7.58 27.11 21.76
C CYS A 222 -7.91 28.56 22.28
N ASN A 223 -6.89 29.32 22.63
CA ASN A 223 -7.05 30.74 22.90
C ASN A 223 -7.48 31.54 21.68
N GLU A 224 -6.84 31.23 20.54
CA GLU A 224 -7.08 32.03 19.36
C GLU A 224 -8.52 31.90 18.86
N TRP A 225 -9.06 30.68 18.96
CA TRP A 225 -10.41 30.39 18.48
C TRP A 225 -11.18 29.74 19.59
N SER A 226 -11.27 28.41 19.55
CA SER A 226 -11.90 27.63 20.63
C SER A 226 -11.45 26.17 20.58
N ALA A 227 -11.38 25.53 21.73
CA ALA A 227 -11.15 24.09 21.81
C ALA A 227 -12.21 23.31 20.98
N ASP A 228 -13.43 23.83 20.93
CA ASP A 228 -14.52 23.24 20.17
C ASP A 228 -14.27 23.30 18.66
N ARG A 229 -13.27 24.05 18.21
CA ARG A 229 -12.91 24.11 16.80
C ARG A 229 -11.60 23.35 16.44
N ILE A 230 -10.99 22.75 17.44
CA ILE A 230 -9.65 22.21 17.22
C ILE A 230 -9.69 20.69 17.26
N GLY A 231 -9.17 20.06 16.22
CA GLY A 231 -8.88 18.63 16.26
C GLY A 231 -7.38 18.44 16.08
N ILE A 232 -6.87 17.23 16.31
CA ILE A 232 -5.45 16.97 16.10
C ILE A 232 -5.27 15.55 15.54
N ARG A 233 -4.38 15.43 14.56
CA ARG A 233 -4.09 14.13 14.00
C ARG A 233 -2.71 13.63 14.50
N VAL A 234 -2.75 12.48 15.17
CA VAL A 234 -1.55 11.80 15.62
C VAL A 234 -1.37 10.43 14.91
N SER A 235 -0.11 10.02 14.74
CA SER A 235 0.22 8.66 14.30
C SER A 235 1.22 8.05 15.31
N PRO A 236 0.73 7.74 16.52
CA PRO A 236 1.60 7.49 17.67
C PRO A 236 2.08 6.05 17.82
N ILE A 237 1.50 5.13 17.04
CA ILE A 237 1.94 3.74 17.10
C ILE A 237 2.57 3.36 15.78
N GLY A 238 3.86 3.05 15.80
CA GLY A 238 4.48 2.47 14.62
C GLY A 238 5.44 3.42 13.94
N THR A 239 5.66 3.24 12.65
CA THR A 239 6.55 4.09 11.85
C THR A 239 5.87 4.70 10.65
N PHE A 240 6.14 5.98 10.44
CA PHE A 240 5.54 6.77 9.39
C PHE A 240 6.60 7.59 8.73
N GLN A 241 6.76 7.38 7.43
CA GLN A 241 7.78 8.10 6.68
C GLN A 241 9.10 8.20 7.44
N ASN A 242 9.55 7.07 8.00
CA ASN A 242 10.86 6.96 8.69
C ASN A 242 10.97 7.66 10.04
N VAL A 243 9.82 8.07 10.57
CA VAL A 243 9.79 8.61 11.91
C VAL A 243 9.05 7.55 12.71
N ASP A 244 9.78 6.83 13.57
CA ASP A 244 9.08 5.97 14.50
C ASP A 244 8.67 6.70 15.77
N ASN A 245 8.06 5.97 16.70
CA ASN A 245 7.58 6.60 17.89
C ASN A 245 8.39 6.28 19.16
N GLY A 246 9.62 5.80 18.95
CA GLY A 246 10.55 5.59 20.04
C GLY A 246 10.28 4.29 20.78
N PRO A 247 11.00 4.06 21.90
CA PRO A 247 11.01 2.74 22.57
C PRO A 247 9.83 2.46 23.49
N ASN A 248 9.06 3.46 23.95
CA ASN A 248 7.84 3.21 24.73
C ASN A 248 6.61 3.89 24.09
N GLU A 249 6.34 3.59 22.82
CA GLU A 249 5.39 4.38 22.04
C GLU A 249 4.00 4.38 22.64
N GLU A 250 3.63 3.27 23.26
CA GLU A 250 2.29 3.19 23.80
C GLU A 250 2.20 4.16 24.99
N ALA A 251 3.08 4.03 25.97
CA ALA A 251 2.96 4.92 27.13
C ALA A 251 3.13 6.39 26.71
N ASP A 252 3.95 6.65 25.70
CA ASP A 252 4.17 8.05 25.30
C ASP A 252 2.96 8.64 24.56
N ALA A 253 2.18 7.74 23.97
CA ALA A 253 0.94 8.10 23.36
C ALA A 253 -0.09 8.45 24.44
N LEU A 254 -0.22 7.59 25.45
CA LEU A 254 -1.18 7.86 26.51
C LEU A 254 -0.81 9.15 27.26
N TYR A 255 0.47 9.43 27.41
CA TYR A 255 0.89 10.72 27.95
C TYR A 255 0.27 11.89 27.15
N LEU A 256 0.60 11.99 25.86
CA LEU A 256 0.12 13.08 25.04
C LEU A 256 -1.39 13.12 25.00
N ILE A 257 -2.02 11.96 25.04
CA ILE A 257 -3.47 11.93 24.95
C ILE A 257 -4.15 12.49 26.21
N GLU A 258 -3.59 12.15 27.37
CA GLU A 258 -4.00 12.71 28.66
C GLU A 258 -3.87 14.23 28.71
N GLU A 259 -2.71 14.75 28.27
CA GLU A 259 -2.54 16.19 28.12
C GLU A 259 -3.55 16.80 27.15
N LEU A 260 -3.87 16.09 26.08
CA LEU A 260 -4.76 16.65 25.05
C LEU A 260 -6.14 16.77 25.61
N ALA A 261 -6.50 15.81 26.43
CA ALA A 261 -7.79 15.75 27.07
C ALA A 261 -8.02 16.97 27.98
N LYS A 262 -6.96 17.36 28.67
CA LYS A 262 -7.02 18.51 29.58
C LYS A 262 -7.47 19.75 28.85
N ARG A 263 -7.11 19.92 27.59
CA ARG A 263 -7.57 21.10 26.87
C ARG A 263 -8.99 20.99 26.36
N GLY A 264 -9.65 19.84 26.55
CA GLY A 264 -11.01 19.63 26.05
C GLY A 264 -11.22 19.91 24.56
N ILE A 265 -10.25 19.59 23.71
CA ILE A 265 -10.43 19.83 22.27
C ILE A 265 -11.54 18.92 21.65
N ALA A 266 -12.00 19.26 20.44
CA ALA A 266 -13.12 18.55 19.78
C ALA A 266 -12.83 17.08 19.45
N TYR A 267 -11.66 16.80 18.89
CA TYR A 267 -11.44 15.45 18.47
C TYR A 267 -10.01 14.97 18.43
N LEU A 268 -9.82 13.65 18.59
CA LEU A 268 -8.52 12.98 18.42
C LEU A 268 -8.63 12.09 17.18
N HIS A 269 -7.86 12.41 16.13
CA HIS A 269 -7.87 11.67 14.90
C HIS A 269 -6.60 10.81 14.86
N MET A 270 -6.76 9.49 15.09
CA MET A 270 -5.66 8.53 15.08
C MET A 270 -5.48 7.90 13.71
N SER A 271 -4.30 8.14 13.14
CA SER A 271 -3.95 7.62 11.86
C SER A 271 -3.20 6.33 12.09
N GLU A 272 -3.72 5.26 11.58
CA GLU A 272 -3.13 3.96 11.74
C GLU A 272 -2.50 3.52 10.46
N THR A 273 -1.56 2.63 10.61
CA THR A 273 -1.02 1.74 9.60
C THR A 273 0.37 2.09 9.19
N GLY A 278 3.45 -4.34 9.67
CA GLY A 278 3.02 -3.26 10.54
C GLY A 278 1.86 -3.65 11.48
N LYS A 279 2.08 -3.46 12.77
CA LYS A 279 1.18 -3.94 13.83
C LYS A 279 -0.13 -3.14 14.07
N PRO A 280 -1.25 -3.85 14.21
CA PRO A 280 -2.58 -3.33 14.55
C PRO A 280 -2.67 -2.84 16.01
N TYR A 281 -3.68 -2.03 16.30
CA TYR A 281 -3.91 -1.53 17.64
C TYR A 281 -4.61 -2.63 18.44
N SER A 282 -4.04 -2.96 19.59
CA SER A 282 -4.72 -3.87 20.52
C SER A 282 -5.97 -3.18 21.01
N GLU A 283 -7.05 -3.94 21.23
CA GLU A 283 -8.21 -3.38 21.89
C GLU A 283 -7.81 -2.83 23.25
N ALA A 284 -6.96 -3.55 23.95
CA ALA A 284 -6.46 -3.08 25.22
C ALA A 284 -6.06 -1.62 25.09
N PHE A 285 -5.06 -1.34 24.26
CA PHE A 285 -4.67 0.04 23.94
C PHE A 285 -5.85 0.94 23.55
N ARG A 286 -6.67 0.50 22.60
CA ARG A 286 -7.81 1.31 22.22
C ARG A 286 -8.66 1.70 23.41
N GLN A 287 -8.88 0.79 24.35
CA GLN A 287 -9.69 1.11 25.53
C GLN A 287 -9.03 2.13 26.41
N LYS A 288 -7.71 2.10 26.44
CA LYS A 288 -6.96 3.05 27.27
C LYS A 288 -7.12 4.46 26.69
N VAL A 289 -7.03 4.57 25.37
CA VAL A 289 -7.27 5.84 24.69
C VAL A 289 -8.66 6.38 25.04
N ARG A 290 -9.70 5.59 24.79
CA ARG A 290 -11.09 5.96 25.10
C ARG A 290 -11.27 6.38 26.56
N GLU A 291 -10.45 5.84 27.44
CA GLU A 291 -10.55 6.09 28.87
C GLU A 291 -10.00 7.47 29.23
N ARG A 292 -9.05 7.94 28.44
CA ARG A 292 -8.26 9.10 28.80
C ARG A 292 -8.72 10.31 28.05
N PHE A 293 -9.28 10.07 26.86
CA PHE A 293 -9.78 11.16 26.05
C PHE A 293 -11.30 11.13 25.99
N HIS A 294 -11.92 12.29 26.18
CA HIS A 294 -13.36 12.35 26.33
C HIS A 294 -14.06 12.88 25.09
N GLY A 295 -13.28 13.43 24.17
CA GLY A 295 -13.85 13.95 22.93
C GLY A 295 -14.17 12.95 21.83
N VAL A 296 -14.38 13.46 20.63
CA VAL A 296 -14.60 12.57 19.49
C VAL A 296 -13.31 11.80 19.09
N ILE A 297 -13.39 10.46 18.97
CA ILE A 297 -12.30 9.69 18.40
C ILE A 297 -12.57 9.25 16.93
N ILE A 298 -11.68 9.67 16.03
CA ILE A 298 -11.73 9.31 14.63
C ILE A 298 -10.57 8.35 14.29
N GLY A 299 -10.91 7.19 13.72
CA GLY A 299 -9.91 6.23 13.28
C GLY A 299 -9.77 6.29 11.77
N ALA A 300 -8.57 6.03 11.27
CA ALA A 300 -8.30 5.96 9.85
C ALA A 300 -7.10 5.05 9.59
N GLY A 301 -6.93 4.63 8.33
CA GLY A 301 -5.79 3.79 7.97
C GLY A 301 -6.27 2.40 7.55
N ALA A 302 -6.47 2.24 6.25
CA ALA A 302 -7.00 0.97 5.74
C ALA A 302 -8.26 0.51 6.47
N TYR A 303 -9.17 1.44 6.77
CA TYR A 303 -10.40 1.03 7.41
C TYR A 303 -11.35 0.50 6.36
N THR A 304 -12.26 -0.37 6.79
CA THR A 304 -13.41 -0.80 5.98
C THR A 304 -14.66 -0.29 6.65
N ALA A 305 -15.76 -0.24 5.91
CA ALA A 305 -17.06 0.06 6.51
C ALA A 305 -17.39 -0.93 7.64
N GLU A 306 -17.02 -2.19 7.44
CA GLU A 306 -17.25 -3.21 8.45
C GLU A 306 -16.34 -3.06 9.69
N LYS A 307 -15.05 -2.79 9.50
CA LYS A 307 -14.16 -2.58 10.65
C LYS A 307 -14.65 -1.39 11.47
N ALA A 308 -15.16 -0.39 10.74
CA ALA A 308 -15.61 0.86 11.32
C ALA A 308 -16.90 0.61 12.07
N GLU A 309 -17.76 -0.21 11.46
CA GLU A 309 -19.03 -0.49 12.13
C GLU A 309 -18.78 -1.24 13.44
N ASP A 310 -17.80 -2.14 13.43
CA ASP A 310 -17.42 -2.86 14.64
C ASP A 310 -16.96 -1.89 15.75
N LEU A 311 -15.73 -1.37 15.63
CA LEU A 311 -15.16 -0.40 16.59
C LEU A 311 -16.13 0.67 17.12
N ILE A 312 -16.98 1.18 16.25
CA ILE A 312 -17.93 2.18 16.66
C ILE A 312 -18.93 1.55 17.61
N GLY A 313 -19.55 0.47 17.18
CA GLY A 313 -20.48 -0.25 18.04
C GLY A 313 -19.80 -0.62 19.35
N LYS A 314 -18.52 -0.97 19.29
CA LYS A 314 -17.77 -1.33 20.49
C LYS A 314 -17.41 -0.11 21.33
N GLY A 315 -17.83 1.06 20.85
CA GLY A 315 -17.58 2.32 21.54
C GLY A 315 -16.11 2.71 21.63
N LEU A 316 -15.30 2.24 20.70
CA LEU A 316 -13.88 2.55 20.80
C LEU A 316 -13.47 3.76 19.96
N ILE A 317 -14.19 4.01 18.88
CA ILE A 317 -14.02 5.24 18.10
C ILE A 317 -15.41 5.74 17.79
N ASP A 318 -15.52 6.97 17.30
CA ASP A 318 -16.82 7.56 16.98
C ASP A 318 -17.04 7.76 15.51
N ALA A 319 -15.97 7.76 14.74
CA ALA A 319 -16.11 7.92 13.29
C ALA A 319 -14.85 7.46 12.54
N VAL A 320 -14.92 7.42 11.21
CA VAL A 320 -13.82 6.89 10.47
C VAL A 320 -13.61 7.81 9.30
N ALA A 321 -12.34 8.10 9.00
CA ALA A 321 -11.98 8.81 7.79
C ALA A 321 -11.49 7.79 6.76
N PHE A 322 -12.00 7.87 5.54
CA PHE A 322 -11.55 7.08 4.42
C PHE A 322 -10.70 7.96 3.52
N GLY A 323 -9.54 7.46 3.14
CA GLY A 323 -8.72 8.18 2.20
C GLY A 323 -8.95 7.82 0.74
N ARG A 324 -8.24 6.79 0.30
CA ARG A 324 -8.30 6.32 -1.07
C ARG A 324 -9.74 6.12 -1.61
N ASP A 325 -10.61 5.48 -0.83
CA ASP A 325 -12.02 5.36 -1.22
C ASP A 325 -12.67 6.72 -1.49
N TYR A 326 -12.28 7.77 -0.74
CA TYR A 326 -12.84 9.09 -1.00
C TYR A 326 -12.22 9.69 -2.23
N ILE A 327 -10.95 9.40 -2.46
CA ILE A 327 -10.39 9.88 -3.71
C ILE A 327 -11.30 9.37 -4.85
N ALA A 328 -11.67 8.11 -4.80
CA ALA A 328 -12.29 7.48 -5.98
C ALA A 328 -13.84 7.50 -6.00
N ASN A 329 -14.48 7.90 -4.90
CA ASN A 329 -15.94 7.81 -4.77
C ASN A 329 -16.49 9.08 -4.12
N PRO A 330 -16.89 10.06 -4.94
CA PRO A 330 -17.43 11.34 -4.44
C PRO A 330 -18.57 11.06 -3.48
N ASP A 331 -19.37 10.08 -3.85
CA ASP A 331 -20.58 9.77 -3.11
C ASP A 331 -20.35 8.54 -2.28
N LEU A 332 -19.15 8.45 -1.68
CA LEU A 332 -18.83 7.28 -0.89
C LEU A 332 -19.91 7.00 0.16
N VAL A 333 -20.57 8.05 0.66
CA VAL A 333 -21.52 7.84 1.76
C VAL A 333 -22.70 6.98 1.30
N ALA A 334 -23.28 7.36 0.17
CA ALA A 334 -24.39 6.64 -0.45
C ALA A 334 -23.98 5.19 -0.77
N ARG A 335 -22.78 5.01 -1.31
CA ARG A 335 -22.33 3.66 -1.68
C ARG A 335 -22.21 2.76 -0.47
N LEU A 336 -21.62 3.29 0.60
CA LEU A 336 -21.50 2.46 1.77
C LEU A 336 -22.86 2.04 2.30
N GLN A 337 -23.86 2.91 2.22
CA GLN A 337 -25.19 2.55 2.73
C GLN A 337 -26.03 1.65 1.81
N LYS A 338 -25.65 1.59 0.53
CA LYS A 338 -26.41 0.78 -0.42
C LYS A 338 -25.59 -0.48 -0.70
N LYS A 339 -24.53 -0.62 0.08
CA LYS A 339 -23.49 -1.59 -0.21
C LYS A 339 -23.17 -1.67 -1.70
N ALA A 340 -23.07 -0.53 -2.39
CA ALA A 340 -22.71 -0.52 -3.81
C ALA A 340 -21.22 -0.75 -4.07
N GLU A 341 -20.89 -1.28 -5.26
CA GLU A 341 -19.49 -1.41 -5.67
C GLU A 341 -18.83 -0.02 -5.71
N LEU A 342 -17.51 0.05 -5.51
CA LEU A 342 -16.80 1.34 -5.54
C LEU A 342 -15.98 1.43 -6.80
N ASN A 343 -15.81 2.64 -7.36
CA ASN A 343 -14.94 2.82 -8.53
C ASN A 343 -13.54 2.35 -8.24
N PRO A 344 -12.85 1.86 -9.29
CA PRO A 344 -11.44 1.45 -9.17
C PRO A 344 -10.61 2.70 -8.90
N GLN A 345 -9.58 2.59 -8.07
CA GLN A 345 -8.71 3.71 -7.75
C GLN A 345 -7.66 3.97 -8.81
N ARG A 346 -7.32 5.23 -9.07
CA ARG A 346 -6.27 5.54 -10.04
C ARG A 346 -5.05 6.23 -9.38
N PRO A 347 -4.21 5.42 -8.72
CA PRO A 347 -3.02 5.85 -7.95
C PRO A 347 -2.05 6.73 -8.73
N GLU A 348 -1.90 6.46 -10.02
CA GLU A 348 -0.97 7.24 -10.84
C GLU A 348 -1.37 8.70 -10.93
N SER A 349 -2.62 9.04 -10.55
CA SER A 349 -3.03 10.43 -10.54
C SER A 349 -3.44 10.93 -9.13
N PHE A 350 -2.98 10.25 -8.08
CA PHE A 350 -3.23 10.75 -6.73
C PHE A 350 -2.57 12.13 -6.60
N TYR A 351 -1.33 12.23 -7.10
CA TYR A 351 -0.48 13.41 -6.97
C TYR A 351 -0.28 14.20 -8.29
N GLY A 352 -0.52 15.51 -8.24
CA GLY A 352 -0.28 16.38 -9.36
C GLY A 352 -1.33 16.20 -10.44
N GLY A 353 -1.13 16.95 -11.52
CA GLY A 353 -2.04 16.89 -12.66
C GLY A 353 -3.23 17.84 -12.56
N GLY A 354 -4.31 17.49 -13.24
CA GLY A 354 -5.52 18.29 -13.27
C GLY A 354 -6.73 17.46 -12.95
N ALA A 355 -7.85 17.78 -13.60
CA ALA A 355 -9.12 17.11 -13.33
C ALA A 355 -9.15 15.58 -13.52
N GLU A 356 -8.25 15.06 -14.37
CA GLU A 356 -8.23 13.61 -14.62
C GLU A 356 -7.75 12.89 -13.37
N GLY A 357 -8.55 11.95 -12.89
CA GLY A 357 -8.23 11.25 -11.64
C GLY A 357 -8.45 12.10 -10.38
N TYR A 358 -9.18 13.20 -10.55
CA TYR A 358 -9.42 14.18 -9.49
C TYR A 358 -10.94 14.50 -9.36
N THR A 359 -11.54 15.13 -10.38
CA THR A 359 -12.99 15.45 -10.39
C THR A 359 -13.85 14.55 -11.30
N ASP A 360 -13.20 13.55 -11.91
CA ASP A 360 -13.81 12.72 -12.95
C ASP A 360 -14.15 11.29 -12.49
N TYR A 361 -14.15 11.07 -11.18
CA TYR A 361 -14.68 9.82 -10.68
C TYR A 361 -16.20 10.03 -10.51
N PRO A 362 -17.01 9.18 -11.14
CA PRO A 362 -18.46 9.41 -11.18
C PRO A 362 -19.14 8.91 -9.91
N SER A 363 -20.33 9.45 -9.63
CA SER A 363 -21.16 9.02 -8.50
C SER A 363 -22.08 7.88 -8.95
N LEU A 364 -22.82 7.29 -8.03
CA LEU A 364 -23.87 6.36 -8.44
C LEU A 364 -24.86 7.10 -9.35
N GLU B 3 21.73 -18.30 13.80
CA GLU B 3 20.62 -17.78 13.00
C GLU B 3 20.29 -18.62 11.75
N LYS B 4 19.08 -19.18 11.75
CA LYS B 4 18.63 -20.19 10.77
C LYS B 4 18.44 -19.68 9.33
N LEU B 5 18.19 -18.39 9.21
CA LEU B 5 17.92 -17.79 7.90
CA LEU B 5 17.93 -17.81 7.90
C LEU B 5 18.98 -18.20 6.91
N PHE B 6 20.20 -18.42 7.39
CA PHE B 6 21.25 -18.68 6.43
C PHE B 6 21.70 -20.13 6.44
N THR B 7 20.79 -21.03 6.80
CA THR B 7 21.10 -22.47 6.80
C THR B 7 20.33 -23.20 5.69
N PRO B 8 20.98 -24.19 5.04
CA PRO B 8 20.42 -24.75 3.80
C PRO B 8 19.04 -25.36 3.99
N LEU B 9 18.32 -25.61 2.89
CA LEU B 9 16.97 -26.13 2.98
C LEU B 9 16.61 -26.84 1.71
N LYS B 10 16.09 -28.06 1.85
CA LYS B 10 15.69 -28.90 0.70
C LYS B 10 14.28 -28.56 0.26
N VAL B 11 14.14 -28.13 -0.99
CA VAL B 11 12.86 -27.72 -1.55
C VAL B 11 12.57 -28.58 -2.76
N GLY B 12 11.75 -29.61 -2.57
CA GLY B 12 11.56 -30.61 -3.58
C GLY B 12 12.90 -31.23 -3.99
N ALA B 13 13.20 -31.12 -5.26
CA ALA B 13 14.32 -31.78 -5.87
C ALA B 13 15.54 -30.86 -5.88
N VAL B 14 15.41 -29.72 -5.22
CA VAL B 14 16.48 -28.73 -5.25
C VAL B 14 16.94 -28.40 -3.84
N THR B 15 18.21 -28.01 -3.66
CA THR B 15 18.67 -27.60 -2.32
C THR B 15 19.15 -26.15 -2.22
N ALA B 16 18.47 -25.36 -1.39
CA ALA B 16 18.78 -23.94 -1.20
C ALA B 16 19.81 -23.77 -0.09
N PRO B 17 20.86 -22.99 -0.35
CA PRO B 17 21.97 -22.71 0.55
C PRO B 17 21.51 -21.87 1.72
N ASN B 18 20.38 -21.19 1.53
CA ASN B 18 19.83 -20.31 2.53
C ASN B 18 18.34 -20.20 2.32
N ARG B 19 17.71 -19.40 3.15
CA ARG B 19 16.28 -19.34 3.20
C ARG B 19 15.78 -17.94 2.90
N VAL B 20 16.63 -17.15 2.28
CA VAL B 20 16.24 -15.84 1.78
C VAL B 20 15.88 -15.94 0.29
N PHE B 21 14.60 -16.02 0.00
CA PHE B 21 14.12 -16.26 -1.35
C PHE B 21 13.73 -14.93 -2.03
N MET B 22 13.91 -14.84 -3.36
CA MET B 22 13.40 -13.72 -4.13
C MET B 22 11.96 -14.00 -4.62
N ALA B 23 11.01 -13.24 -4.08
CA ALA B 23 9.61 -13.33 -4.46
C ALA B 23 9.41 -13.11 -5.95
N PRO B 24 8.32 -13.65 -6.49
CA PRO B 24 8.00 -13.33 -7.88
C PRO B 24 7.67 -11.83 -7.99
N LEU B 25 8.29 -11.17 -8.94
CA LEU B 25 8.11 -9.73 -9.15
C LEU B 25 7.87 -9.37 -10.63
N THR B 26 6.63 -9.04 -10.96
CA THR B 26 6.28 -8.57 -12.31
C THR B 26 6.98 -7.23 -12.65
N ARG B 27 7.79 -7.17 -13.70
CA ARG B 27 8.56 -5.95 -13.95
C ARG B 27 8.22 -5.36 -15.30
N LEU B 28 7.50 -6.10 -16.16
CA LEU B 28 6.97 -5.59 -17.46
C LEU B 28 7.98 -5.00 -18.46
N ARG B 29 9.12 -5.68 -18.63
CA ARG B 29 10.16 -5.23 -19.57
C ARG B 29 10.44 -6.20 -20.69
N SER B 30 9.50 -7.10 -20.96
CA SER B 30 9.71 -8.09 -22.01
C SER B 30 9.50 -7.40 -23.31
N ILE B 31 9.96 -8.05 -24.37
CA ILE B 31 9.83 -7.55 -25.73
C ILE B 31 8.45 -7.83 -26.31
N GLU B 32 7.82 -6.83 -26.94
CA GLU B 32 6.67 -7.09 -27.78
C GLU B 32 6.94 -6.67 -29.21
N PRO B 33 6.40 -7.41 -30.20
CA PRO B 33 5.53 -8.59 -29.97
C PRO B 33 6.35 -9.81 -29.54
N GLY B 34 5.66 -10.83 -29.03
CA GLY B 34 6.33 -12.07 -28.68
C GLY B 34 6.44 -12.35 -27.19
N ASP B 35 6.29 -11.31 -26.36
CA ASP B 35 6.38 -11.44 -24.89
C ASP B 35 7.64 -12.19 -24.50
N ILE B 36 8.77 -11.75 -25.06
CA ILE B 36 10.02 -12.49 -24.96
C ILE B 36 10.99 -11.92 -23.93
N PRO B 37 11.57 -12.79 -23.06
CA PRO B 37 12.49 -12.22 -22.06
C PRO B 37 13.75 -11.74 -22.73
N THR B 38 14.48 -10.87 -22.05
CA THR B 38 15.66 -10.21 -22.64
C THR B 38 16.96 -10.47 -21.87
N PRO B 39 18.11 -10.21 -22.50
CA PRO B 39 19.39 -10.31 -21.76
C PRO B 39 19.43 -9.36 -20.58
N LEU B 40 18.72 -8.25 -20.69
CA LEU B 40 18.66 -7.34 -19.54
C LEU B 40 17.97 -8.02 -18.36
N MET B 41 16.79 -8.61 -18.62
CA MET B 41 16.13 -9.41 -17.59
C MET B 41 17.08 -10.48 -17.10
N GLY B 42 17.81 -11.08 -18.03
CA GLY B 42 18.85 -12.03 -17.69
C GLY B 42 19.86 -11.51 -16.69
N GLU B 43 20.30 -10.25 -16.86
CA GLU B 43 21.32 -9.68 -15.97
C GLU B 43 20.77 -9.38 -14.59
N TYR B 44 19.54 -8.91 -14.57
CA TYR B 44 18.84 -8.65 -13.33
C TYR B 44 18.75 -9.91 -12.46
N TYR B 45 18.36 -11.04 -13.06
CA TYR B 45 18.30 -12.28 -12.28
C TYR B 45 19.71 -12.76 -11.87
N ARG B 46 20.69 -12.59 -12.76
CA ARG B 46 22.10 -12.98 -12.44
C ARG B 46 22.59 -12.28 -11.18
N GLN B 47 22.34 -10.97 -11.10
CA GLN B 47 22.69 -10.15 -9.94
C GLN B 47 22.10 -10.63 -8.64
N ARG B 48 20.99 -11.34 -8.69
CA ARG B 48 20.32 -11.79 -7.48
C ARG B 48 20.51 -13.28 -7.20
N ALA B 49 21.38 -13.91 -7.98
CA ALA B 49 21.53 -15.36 -7.95
C ALA B 49 22.05 -15.98 -6.62
N SER B 50 22.40 -15.15 -5.64
CA SER B 50 22.82 -15.65 -4.32
C SER B 50 21.61 -15.97 -3.46
N ALA B 51 20.44 -15.55 -3.93
CA ALA B 51 19.19 -15.95 -3.30
C ALA B 51 19.15 -17.46 -3.04
N GLY B 52 18.62 -17.85 -1.89
CA GLY B 52 18.27 -19.22 -1.64
C GLY B 52 17.57 -19.84 -2.83
N LEU B 53 16.54 -19.14 -3.31
CA LEU B 53 15.86 -19.48 -4.54
C LEU B 53 15.29 -18.18 -5.15
N ILE B 54 15.37 -18.08 -6.48
CA ILE B 54 14.77 -17.00 -7.25
C ILE B 54 13.44 -17.52 -7.80
N ILE B 55 12.35 -16.85 -7.52
CA ILE B 55 11.11 -17.16 -8.22
C ILE B 55 10.91 -16.03 -9.20
N SER B 56 10.71 -16.37 -10.47
CA SER B 56 10.64 -15.41 -11.55
C SER B 56 9.36 -14.57 -11.49
N GLU B 57 9.33 -13.44 -12.20
CA GLU B 57 8.07 -12.70 -12.39
C GLU B 57 7.02 -13.65 -12.99
N ALA B 58 5.74 -13.43 -12.69
CA ALA B 58 4.66 -14.15 -13.37
C ALA B 58 4.90 -14.24 -14.89
N THR B 59 4.65 -15.43 -15.45
CA THR B 59 4.93 -15.69 -16.85
C THR B 59 3.73 -16.38 -17.51
N GLN B 60 3.29 -15.95 -18.71
CA GLN B 60 2.13 -16.55 -19.36
C GLN B 60 2.27 -18.03 -19.70
N ILE B 61 1.22 -18.81 -19.43
CA ILE B 61 1.23 -20.20 -19.89
C ILE B 61 0.80 -20.29 -21.37
N SER B 62 0.30 -19.18 -21.91
CA SER B 62 -0.23 -19.15 -23.28
C SER B 62 -0.43 -17.69 -23.71
N ALA B 63 -0.62 -17.45 -25.02
CA ALA B 63 -1.11 -16.12 -25.47
C ALA B 63 -2.38 -15.68 -24.72
N GLN B 64 -3.39 -16.54 -24.65
CA GLN B 64 -4.62 -16.17 -23.94
C GLN B 64 -4.37 -15.78 -22.50
N ALA B 65 -3.29 -16.32 -21.91
CA ALA B 65 -2.93 -15.99 -20.51
C ALA B 65 -2.59 -14.49 -20.21
N LYS B 66 -2.11 -13.78 -21.24
CA LYS B 66 -1.58 -12.43 -21.10
C LYS B 66 -2.61 -11.37 -20.61
N GLY B 67 -2.26 -10.66 -19.54
CA GLY B 67 -3.06 -9.59 -19.00
C GLY B 67 -2.28 -8.27 -18.82
N TYR B 68 -0.97 -8.26 -19.08
CA TYR B 68 -0.16 -7.05 -18.93
C TYR B 68 0.78 -6.99 -20.10
N ALA B 69 0.89 -5.83 -20.74
CA ALA B 69 1.91 -5.61 -21.77
C ALA B 69 3.26 -5.54 -21.09
N GLY B 70 4.23 -6.26 -21.63
CA GLY B 70 5.55 -6.30 -21.05
C GLY B 70 5.85 -7.58 -20.28
N ALA B 71 4.80 -8.36 -19.96
CA ALA B 71 5.00 -9.61 -19.23
C ALA B 71 5.40 -10.78 -20.15
N PRO B 72 6.39 -11.57 -19.69
CA PRO B 72 6.92 -12.65 -20.53
C PRO B 72 6.01 -13.88 -20.60
N GLY B 73 6.26 -14.72 -21.60
CA GLY B 73 5.52 -15.96 -21.73
C GLY B 73 6.42 -17.17 -21.78
N LEU B 74 5.83 -18.35 -21.72
CA LEU B 74 6.60 -19.55 -21.79
C LEU B 74 5.87 -20.61 -22.62
N HIS B 75 5.46 -20.20 -23.81
CA HIS B 75 4.69 -21.07 -24.69
C HIS B 75 5.21 -21.12 -26.11
N SER B 76 6.13 -20.23 -26.46
CA SER B 76 6.64 -20.19 -27.83
C SER B 76 8.10 -20.64 -27.86
N PRO B 77 8.56 -21.14 -29.03
CA PRO B 77 9.97 -21.57 -29.12
C PRO B 77 10.92 -20.41 -28.82
N GLU B 78 10.62 -19.21 -29.31
CA GLU B 78 11.49 -18.06 -29.00
C GLU B 78 11.52 -17.70 -27.50
N GLN B 79 10.36 -17.78 -26.84
CA GLN B 79 10.29 -17.57 -25.40
C GLN B 79 11.17 -18.59 -24.70
N ILE B 80 11.05 -19.85 -25.12
CA ILE B 80 11.76 -20.94 -24.47
C ILE B 80 13.24 -20.72 -24.58
N ALA B 81 13.68 -20.27 -25.73
CA ALA B 81 15.10 -20.11 -25.96
C ALA B 81 15.65 -18.93 -25.19
N ALA B 82 14.86 -17.86 -25.07
CA ALA B 82 15.30 -16.69 -24.31
C ALA B 82 15.43 -17.06 -22.83
N TRP B 83 14.44 -17.77 -22.31
CA TRP B 83 14.48 -18.20 -20.92
C TRP B 83 15.66 -19.17 -20.71
N LYS B 84 15.95 -19.97 -21.70
CA LYS B 84 17.05 -20.91 -21.55
C LYS B 84 18.38 -20.19 -21.25
N LYS B 85 18.64 -19.10 -21.95
CA LYS B 85 19.83 -18.31 -21.69
C LYS B 85 19.81 -17.67 -20.30
N ILE B 86 18.62 -17.31 -19.81
CA ILE B 86 18.50 -16.67 -18.48
C ILE B 86 18.73 -17.61 -17.32
N THR B 87 18.15 -18.82 -17.40
CA THR B 87 18.40 -19.81 -16.35
C THR B 87 19.88 -20.27 -16.40
N ALA B 88 20.44 -20.43 -17.59
CA ALA B 88 21.87 -20.75 -17.70
C ALA B 88 22.68 -19.72 -16.93
N GLY B 89 22.25 -18.45 -17.04
CA GLY B 89 22.94 -17.33 -16.43
C GLY B 89 22.97 -17.45 -14.93
N VAL B 90 21.79 -17.75 -14.37
CA VAL B 90 21.66 -17.98 -12.96
C VAL B 90 22.44 -19.21 -12.52
N HIS B 91 22.44 -20.24 -13.36
CA HIS B 91 23.12 -21.49 -13.00
C HIS B 91 24.64 -21.32 -12.97
N ALA B 92 25.18 -20.59 -13.94
CA ALA B 92 26.59 -20.25 -13.89
C ALA B 92 26.98 -19.48 -12.62
N GLU B 93 26.02 -18.85 -11.94
CA GLU B 93 26.34 -18.16 -10.68
C GLU B 93 26.14 -19.10 -9.51
N ASP B 94 25.70 -20.32 -9.82
CA ASP B 94 25.37 -21.30 -8.80
C ASP B 94 24.08 -20.94 -8.04
N GLY B 95 23.15 -20.27 -8.74
CA GLY B 95 21.85 -19.98 -8.14
C GLY B 95 20.80 -21.01 -8.56
N ARG B 96 19.60 -20.88 -8.00
CA ARG B 96 18.47 -21.73 -8.35
C ARG B 96 17.28 -20.85 -8.75
N ILE B 97 16.57 -21.21 -9.81
CA ILE B 97 15.47 -20.38 -10.26
C ILE B 97 14.24 -21.19 -10.65
N ALA B 98 13.10 -20.74 -10.12
CA ALA B 98 11.79 -21.27 -10.44
C ALA B 98 11.04 -20.30 -11.36
N VAL B 99 10.23 -20.81 -12.28
CA VAL B 99 9.36 -19.90 -13.02
C VAL B 99 7.98 -19.93 -12.38
N GLN B 100 7.46 -18.76 -12.04
CA GLN B 100 6.04 -18.63 -11.66
C GLN B 100 5.17 -18.60 -12.93
N LEU B 101 4.15 -19.43 -12.98
CA LEU B 101 3.32 -19.46 -14.18
C LEU B 101 1.91 -19.03 -13.82
N TRP B 102 1.35 -18.12 -14.62
CA TRP B 102 -0.05 -17.69 -14.43
C TRP B 102 -0.85 -17.70 -15.69
N HIS B 103 -2.14 -17.55 -15.44
CA HIS B 103 -3.10 -17.08 -16.38
C HIS B 103 -3.83 -15.91 -15.66
N THR B 104 -3.82 -14.73 -16.29
CA THR B 104 -4.37 -13.52 -15.64
C THR B 104 -5.92 -13.52 -15.56
N GLY B 105 -6.58 -14.30 -16.41
CA GLY B 105 -8.03 -14.29 -16.53
C GLY B 105 -8.61 -12.89 -16.76
N ARG B 106 -9.64 -12.57 -16.00
CA ARG B 106 -10.32 -11.26 -16.09
C ARG B 106 -9.46 -10.05 -15.68
N ILE B 107 -8.24 -10.27 -15.19
CA ILE B 107 -7.35 -9.12 -15.05
C ILE B 107 -6.49 -8.96 -16.27
N SER B 108 -7.10 -8.42 -17.30
CA SER B 108 -6.49 -8.35 -18.59
C SER B 108 -7.27 -7.32 -19.41
N HIS B 109 -6.90 -7.18 -20.68
CA HIS B 109 -7.55 -6.20 -21.51
C HIS B 109 -7.69 -6.78 -22.91
N SER B 110 -8.84 -6.55 -23.54
CA SER B 110 -9.07 -7.16 -24.84
C SER B 110 -7.99 -6.82 -25.82
N SER B 111 -7.38 -5.64 -25.70
CA SER B 111 -6.38 -5.26 -26.72
C SER B 111 -5.16 -6.15 -26.76
N ILE B 112 -4.91 -6.92 -25.70
CA ILE B 112 -3.74 -7.79 -25.72
C ILE B 112 -4.14 -9.25 -25.76
N GLN B 113 -5.42 -9.52 -25.90
CA GLN B 113 -5.92 -10.88 -25.96
C GLN B 113 -5.89 -11.32 -27.40
N PRO B 114 -5.67 -12.63 -27.64
CA PRO B 114 -5.76 -13.12 -29.03
C PRO B 114 -7.09 -12.75 -29.70
N GLY B 115 -6.99 -12.27 -30.94
CA GLY B 115 -8.15 -11.79 -31.68
C GLY B 115 -8.80 -10.51 -31.15
N GLY B 116 -8.16 -9.83 -30.20
CA GLY B 116 -8.81 -8.71 -29.56
C GLY B 116 -10.09 -9.03 -28.82
N GLN B 117 -10.25 -10.26 -28.31
CA GLN B 117 -11.47 -10.68 -27.63
C GLN B 117 -11.48 -10.36 -26.13
N ALA B 118 -12.64 -10.41 -25.47
CA ALA B 118 -12.72 -10.38 -24.02
C ALA B 118 -11.88 -11.52 -23.46
N PRO B 119 -11.24 -11.28 -22.29
CA PRO B 119 -10.48 -12.26 -21.54
C PRO B 119 -11.45 -13.22 -20.91
N VAL B 120 -10.96 -14.32 -20.36
CA VAL B 120 -11.86 -15.34 -19.81
C VAL B 120 -11.75 -15.43 -18.30
N SER B 121 -12.76 -16.00 -17.67
CA SER B 121 -12.75 -16.05 -16.22
C SER B 121 -13.72 -17.14 -15.79
N ALA B 122 -13.86 -17.30 -14.48
CA ALA B 122 -14.89 -18.13 -13.89
C ALA B 122 -16.30 -17.70 -14.26
N SER B 123 -16.54 -16.38 -14.23
CA SER B 123 -17.90 -15.81 -14.39
C SER B 123 -17.74 -14.45 -15.12
N ALA B 124 -18.78 -14.04 -15.85
CA ALA B 124 -18.74 -12.77 -16.59
C ALA B 124 -18.91 -11.56 -15.68
C ALA B 124 -18.92 -11.58 -15.65
N LEU B 125 -17.88 -11.25 -14.89
CA LEU B 125 -17.93 -10.12 -13.96
C LEU B 125 -16.62 -9.39 -14.02
N ASN B 126 -16.69 -8.10 -14.33
CA ASN B 126 -15.49 -7.29 -14.42
C ASN B 126 -14.68 -7.35 -13.13
N ALA B 127 -13.36 -7.41 -13.28
CA ALA B 127 -12.49 -7.49 -12.12
C ALA B 127 -12.70 -6.23 -11.28
N ASN B 128 -13.08 -5.14 -11.95
CA ASN B 128 -13.17 -3.84 -11.30
C ASN B 128 -11.80 -3.34 -10.79
N THR B 129 -10.73 -3.65 -11.52
CA THR B 129 -9.43 -3.12 -11.18
C THR B 129 -8.79 -2.66 -12.46
N ARG B 130 -7.48 -2.46 -12.43
CA ARG B 130 -6.77 -1.93 -13.58
C ARG B 130 -5.57 -2.77 -13.91
N THR B 131 -5.21 -2.83 -15.19
CA THR B 131 -4.02 -3.55 -15.56
C THR B 131 -3.10 -2.59 -16.27
N SER B 132 -2.02 -3.13 -16.79
CA SER B 132 -1.00 -2.30 -17.36
C SER B 132 -0.77 -2.61 -18.82
N LEU B 133 -0.84 -1.58 -19.66
CA LEU B 133 -0.59 -1.73 -21.10
C LEU B 133 0.64 -0.94 -21.49
N ARG B 134 0.92 -0.83 -22.77
CA ARG B 134 1.99 0.05 -23.20
C ARG B 134 1.48 1.12 -24.19
N ASP B 135 2.03 2.33 -24.12
CA ASP B 135 1.68 3.35 -25.12
C ASP B 135 2.52 3.20 -26.37
N GLU B 136 2.30 4.09 -27.34
CA GLU B 136 2.97 4.07 -28.64
C GLU B 136 4.47 4.35 -28.53
N ASN B 137 4.89 4.93 -27.42
CA ASN B 137 6.34 5.02 -27.20
C ASN B 137 6.90 3.87 -26.37
N GLY B 138 6.05 2.89 -26.05
CA GLY B 138 6.45 1.71 -25.27
C GLY B 138 6.49 1.94 -23.75
N ASN B 139 5.96 3.07 -23.28
CA ASN B 139 5.87 3.31 -21.83
C ASN B 139 4.66 2.61 -21.19
N ALA B 140 4.82 2.19 -19.94
CA ALA B 140 3.73 1.53 -19.26
C ALA B 140 2.58 2.48 -18.89
N ILE B 141 1.35 2.06 -19.20
CA ILE B 141 0.17 2.84 -18.87
C ILE B 141 -0.90 1.97 -18.20
N ARG B 142 -1.83 2.61 -17.51
CA ARG B 142 -2.84 1.86 -16.78
C ARG B 142 -4.20 1.99 -17.43
N VAL B 143 -5.01 0.94 -17.32
CA VAL B 143 -6.30 0.93 -18.00
C VAL B 143 -7.25 -0.05 -17.33
N ASP B 144 -8.53 0.28 -17.35
CA ASP B 144 -9.52 -0.58 -16.73
C ASP B 144 -9.51 -2.02 -17.36
N THR B 145 -9.58 -3.05 -16.54
CA THR B 145 -9.79 -4.39 -17.06
C THR B 145 -11.05 -4.51 -17.92
N THR B 146 -10.96 -5.33 -18.98
CA THR B 146 -12.12 -5.66 -19.80
C THR B 146 -13.03 -6.70 -19.12
N THR B 147 -14.33 -6.51 -19.21
CA THR B 147 -15.25 -7.48 -18.63
C THR B 147 -14.98 -8.83 -19.30
N PRO B 148 -14.83 -9.89 -18.49
CA PRO B 148 -14.48 -11.18 -19.12
C PRO B 148 -15.71 -11.94 -19.62
N ARG B 149 -15.48 -13.03 -20.34
CA ARG B 149 -16.54 -14.04 -20.44
C ARG B 149 -16.23 -15.28 -19.61
N ALA B 150 -17.30 -15.88 -19.10
CA ALA B 150 -17.24 -17.08 -18.30
C ALA B 150 -16.81 -18.28 -19.19
N LEU B 151 -15.77 -19.01 -18.76
CA LEU B 151 -15.32 -20.18 -19.52
C LEU B 151 -16.44 -21.23 -19.65
N GLU B 152 -16.65 -21.68 -20.88
CA GLU B 152 -17.53 -22.80 -21.15
C GLU B 152 -16.91 -24.09 -20.62
N LEU B 153 -17.71 -24.85 -19.85
CA LEU B 153 -17.27 -26.07 -19.22
C LEU B 153 -16.28 -26.84 -20.07
N ASP B 154 -16.55 -26.95 -21.37
CA ASP B 154 -15.69 -27.73 -22.25
C ASP B 154 -14.41 -27.01 -22.64
N GLU B 155 -14.13 -25.88 -22.00
CA GLU B 155 -12.92 -25.14 -22.34
C GLU B 155 -11.93 -25.40 -21.26
N ILE B 156 -12.43 -25.82 -20.10
CA ILE B 156 -11.59 -26.09 -18.94
C ILE B 156 -10.43 -27.09 -19.17
N PRO B 157 -10.65 -28.12 -19.99
CA PRO B 157 -9.52 -29.04 -20.21
C PRO B 157 -8.41 -28.35 -20.99
N GLY B 158 -8.80 -27.47 -21.91
CA GLY B 158 -7.83 -26.66 -22.60
C GLY B 158 -6.93 -25.91 -21.62
N ILE B 159 -7.52 -25.26 -20.63
CA ILE B 159 -6.74 -24.46 -19.68
C ILE B 159 -5.78 -25.38 -18.89
N VAL B 160 -6.26 -26.54 -18.46
CA VAL B 160 -5.40 -27.43 -17.72
C VAL B 160 -4.24 -27.84 -18.63
N ASN B 161 -4.52 -28.14 -19.89
CA ASN B 161 -3.45 -28.51 -20.82
C ASN B 161 -2.38 -27.44 -21.04
N ASP B 162 -2.76 -26.17 -20.95
CA ASP B 162 -1.80 -25.07 -21.17
C ASP B 162 -0.86 -25.02 -20.00
N PHE B 163 -1.40 -25.20 -18.81
CA PHE B 163 -0.57 -25.27 -17.62
C PHE B 163 0.43 -26.43 -17.80
N ARG B 164 -0.08 -27.56 -18.27
CA ARG B 164 0.71 -28.76 -18.41
C ARG B 164 1.84 -28.55 -19.41
N GLN B 165 1.53 -28.00 -20.57
CA GLN B 165 2.53 -27.73 -21.60
C GLN B 165 3.58 -26.69 -21.12
N ALA B 166 3.15 -25.70 -20.33
CA ALA B 166 4.06 -24.68 -19.85
C ALA B 166 5.02 -25.27 -18.90
N VAL B 167 4.56 -26.23 -18.09
CA VAL B 167 5.50 -26.92 -17.20
C VAL B 167 6.56 -27.75 -17.96
N ALA B 168 6.16 -28.36 -19.07
CA ALA B 168 7.08 -29.09 -19.93
C ALA B 168 8.09 -28.09 -20.49
N ASN B 169 7.57 -26.92 -20.87
CA ASN B 169 8.40 -25.89 -21.45
C ASN B 169 9.36 -25.39 -20.39
N ALA B 170 8.90 -25.33 -19.14
CA ALA B 170 9.75 -24.81 -18.08
C ALA B 170 10.98 -25.73 -17.89
N ARG B 171 10.74 -27.04 -17.90
CA ARG B 171 11.84 -27.97 -17.72
C ARG B 171 12.84 -27.86 -18.88
N GLU B 172 12.30 -27.85 -20.08
CA GLU B 172 13.04 -27.62 -21.30
C GLU B 172 13.86 -26.30 -21.24
N ALA B 173 13.31 -25.26 -20.64
CA ALA B 173 14.05 -23.99 -20.56
C ALA B 173 15.09 -24.01 -19.45
N GLY B 174 15.12 -25.09 -18.67
CA GLY B 174 16.12 -25.25 -17.63
C GLY B 174 15.73 -24.75 -16.24
N PHE B 175 14.50 -24.31 -16.03
CA PHE B 175 14.11 -23.95 -14.67
C PHE B 175 14.26 -25.15 -13.74
N ASP B 176 14.40 -24.87 -12.45
CA ASP B 176 14.65 -25.91 -11.45
C ASP B 176 13.34 -26.34 -10.87
N LEU B 177 12.40 -25.40 -10.77
CA LEU B 177 11.08 -25.62 -10.19
C LEU B 177 10.04 -24.80 -10.95
N VAL B 178 8.77 -25.10 -10.72
CA VAL B 178 7.75 -24.18 -11.18
C VAL B 178 6.82 -23.79 -10.02
N GLU B 179 6.36 -22.54 -10.06
CA GLU B 179 5.43 -22.10 -9.05
C GLU B 179 4.11 -21.74 -9.74
N LEU B 180 3.03 -22.39 -9.30
CA LEU B 180 1.71 -22.08 -9.84
C LEU B 180 1.11 -20.81 -9.19
N HIS B 181 0.80 -19.81 -10.00
CA HIS B 181 0.18 -18.58 -9.50
C HIS B 181 -1.30 -18.82 -9.24
N SER B 182 -1.63 -19.14 -8.00
CA SER B 182 -2.98 -19.41 -7.61
C SER B 182 -3.42 -18.32 -6.62
N ALA B 183 -2.80 -17.15 -6.75
CA ALA B 183 -3.07 -16.02 -5.87
C ALA B 183 -3.42 -14.70 -6.58
N HIS B 184 -3.62 -13.67 -5.77
CA HIS B 184 -3.67 -12.29 -6.25
C HIS B 184 -4.77 -11.96 -7.27
N GLY B 185 -5.84 -12.73 -7.24
CA GLY B 185 -6.98 -12.48 -8.09
C GLY B 185 -6.84 -12.89 -9.54
N TYR B 186 -5.79 -13.68 -9.87
CA TYR B 186 -5.63 -14.14 -11.23
C TYR B 186 -6.53 -15.33 -11.42
N LEU B 187 -6.44 -16.01 -12.56
CA LEU B 187 -7.46 -17.02 -12.97
C LEU B 187 -7.72 -18.12 -11.95
N LEU B 188 -6.67 -18.75 -11.46
CA LEU B 188 -6.87 -19.80 -10.52
C LEU B 188 -7.60 -19.27 -9.30
N HIS B 189 -7.17 -18.10 -8.83
CA HIS B 189 -7.77 -17.53 -7.62
C HIS B 189 -9.22 -17.05 -7.90
N GLN B 190 -9.48 -16.66 -9.14
CA GLN B 190 -10.77 -16.26 -9.64
C GLN B 190 -11.74 -17.42 -9.40
N PHE B 191 -11.28 -18.64 -9.69
CA PHE B 191 -12.07 -19.86 -9.39
C PHE B 191 -12.17 -20.18 -7.92
N LEU B 192 -11.09 -19.93 -7.20
CA LEU B 192 -11.12 -20.24 -5.78
C LEU B 192 -12.05 -19.33 -4.95
N SER B 193 -12.14 -18.06 -5.34
CA SER B 193 -12.90 -17.09 -4.51
C SER B 193 -14.44 -17.15 -4.71
N PRO B 194 -15.16 -17.36 -3.64
CA PRO B 194 -16.62 -17.32 -3.83
C PRO B 194 -17.15 -15.92 -4.26
N SER B 195 -16.39 -14.85 -4.03
CA SER B 195 -16.85 -13.54 -4.45
C SER B 195 -16.70 -13.33 -5.98
N SER B 196 -15.78 -14.07 -6.60
CA SER B 196 -15.60 -13.88 -8.04
C SER B 196 -16.14 -15.08 -8.77
N ASN B 197 -16.38 -16.14 -8.04
CA ASN B 197 -16.86 -17.32 -8.72
C ASN B 197 -18.33 -17.54 -8.44
N GLN B 198 -19.15 -17.32 -9.47
CA GLN B 198 -20.60 -17.29 -9.33
C GLN B 198 -21.20 -18.45 -10.12
N ARG B 199 -20.31 -19.28 -10.67
CA ARG B 199 -20.66 -20.45 -11.46
C ARG B 199 -21.65 -21.38 -10.75
N THR B 200 -22.44 -22.08 -11.56
CA THR B 200 -23.43 -22.99 -11.03
C THR B 200 -23.14 -24.46 -11.40
N ASP B 201 -21.99 -24.73 -12.01
CA ASP B 201 -21.66 -26.11 -12.40
C ASP B 201 -20.71 -26.78 -11.37
N GLN B 202 -19.94 -27.80 -11.77
CA GLN B 202 -19.13 -28.50 -10.74
C GLN B 202 -17.93 -27.66 -10.29
N TYR B 203 -17.60 -26.65 -11.08
CA TYR B 203 -16.55 -25.70 -10.76
C TYR B 203 -16.97 -24.50 -9.91
N GLY B 204 -18.25 -24.43 -9.53
CA GLY B 204 -18.67 -23.49 -8.52
C GLY B 204 -19.45 -24.13 -7.37
N GLY B 205 -19.63 -23.39 -6.28
CA GLY B 205 -20.35 -23.92 -5.14
C GLY B 205 -19.53 -23.89 -3.87
N SER B 206 -19.45 -25.04 -3.23
CA SER B 206 -18.61 -25.19 -2.03
C SER B 206 -17.10 -25.20 -2.35
N VAL B 207 -16.30 -25.25 -1.30
CA VAL B 207 -14.88 -25.09 -1.42
C VAL B 207 -14.37 -26.21 -2.28
N GLU B 208 -14.90 -27.42 -2.08
CA GLU B 208 -14.59 -28.55 -2.97
C GLU B 208 -14.71 -28.21 -4.43
N ASN B 209 -15.78 -27.52 -4.79
CA ASN B 209 -15.98 -27.22 -6.19
C ASN B 209 -15.13 -26.07 -6.69
N ARG B 210 -14.91 -25.07 -5.84
CA ARG B 210 -14.17 -23.87 -6.24
C ARG B 210 -12.66 -24.15 -6.37
N ALA B 211 -12.20 -25.15 -5.62
CA ALA B 211 -10.81 -25.57 -5.67
C ALA B 211 -10.62 -26.63 -6.74
N ARG B 212 -11.69 -27.00 -7.43
CA ARG B 212 -11.57 -28.10 -8.38
C ARG B 212 -10.60 -27.80 -9.50
N LEU B 213 -10.60 -26.56 -10.01
CA LEU B 213 -9.69 -26.27 -11.13
C LEU B 213 -8.21 -26.29 -10.72
N VAL B 214 -7.88 -25.56 -9.67
CA VAL B 214 -6.49 -25.51 -9.26
C VAL B 214 -5.96 -26.93 -9.00
N LEU B 215 -6.78 -27.80 -8.41
CA LEU B 215 -6.37 -29.18 -8.08
C LEU B 215 -6.18 -30.04 -9.32
N GLU B 216 -7.05 -29.88 -10.31
CA GLU B 216 -6.78 -30.50 -11.61
C GLU B 216 -5.48 -30.02 -12.24
N VAL B 217 -5.10 -28.78 -11.97
CA VAL B 217 -3.91 -28.23 -12.59
C VAL B 217 -2.73 -28.79 -11.84
N VAL B 218 -2.81 -28.82 -10.52
CA VAL B 218 -1.77 -29.47 -9.74
C VAL B 218 -1.52 -30.91 -10.28
N ASP B 219 -2.56 -31.74 -10.31
CA ASP B 219 -2.34 -33.12 -10.77
C ASP B 219 -1.77 -33.17 -12.18
N ALA B 220 -2.19 -32.27 -13.04
CA ALA B 220 -1.76 -32.38 -14.42
C ALA B 220 -0.26 -32.07 -14.53
N VAL B 221 0.17 -31.09 -13.76
CA VAL B 221 1.57 -30.67 -13.87
C VAL B 221 2.50 -31.60 -13.10
N CYS B 222 2.03 -32.14 -11.98
CA CYS B 222 2.76 -33.17 -11.27
C CYS B 222 3.01 -34.35 -12.20
N ASN B 223 2.01 -34.68 -12.97
CA ASN B 223 2.06 -35.82 -13.87
C ASN B 223 2.93 -35.56 -15.09
N GLU B 224 3.16 -34.30 -15.39
CA GLU B 224 3.91 -34.00 -16.60
C GLU B 224 5.38 -33.93 -16.24
N TRP B 225 5.63 -33.63 -14.98
CA TRP B 225 7.01 -33.51 -14.51
C TRP B 225 7.13 -34.32 -13.24
N SER B 226 6.97 -33.66 -12.11
CA SER B 226 7.05 -34.40 -10.88
C SER B 226 6.68 -33.49 -9.74
N ALA B 227 5.91 -34.04 -8.79
CA ALA B 227 5.45 -33.29 -7.62
C ALA B 227 6.55 -32.50 -6.93
N ASP B 228 7.77 -33.02 -6.97
CA ASP B 228 8.84 -32.36 -6.23
C ASP B 228 9.45 -31.18 -7.00
N ARG B 229 8.95 -30.94 -8.21
CA ARG B 229 9.28 -29.75 -8.98
C ARG B 229 8.19 -28.66 -8.91
N ILE B 230 7.08 -28.98 -8.24
CA ILE B 230 5.87 -28.13 -8.26
C ILE B 230 5.66 -27.38 -6.96
N GLY B 231 5.67 -26.05 -7.03
CA GLY B 231 5.27 -25.22 -5.92
C GLY B 231 3.97 -24.46 -6.32
N ILE B 232 3.29 -23.87 -5.34
CA ILE B 232 2.07 -23.12 -5.65
C ILE B 232 2.00 -21.91 -4.74
N ARG B 233 1.62 -20.78 -5.35
CA ARG B 233 1.39 -19.57 -4.57
C ARG B 233 -0.10 -19.24 -4.37
N VAL B 234 -0.47 -19.01 -3.12
CA VAL B 234 -1.84 -18.76 -2.75
C VAL B 234 -1.83 -17.51 -1.87
N SER B 235 -2.93 -16.74 -1.92
CA SER B 235 -3.10 -15.60 -1.05
C SER B 235 -4.49 -15.75 -0.50
N PRO B 236 -4.64 -16.65 0.46
CA PRO B 236 -5.96 -17.17 0.75
C PRO B 236 -6.62 -16.45 1.93
N ILE B 237 -5.93 -15.47 2.50
CA ILE B 237 -6.50 -14.67 3.58
C ILE B 237 -6.45 -13.18 3.23
N GLY B 238 -7.61 -12.61 3.03
CA GLY B 238 -7.70 -11.18 2.84
C GLY B 238 -8.32 -10.86 1.49
N THR B 239 -8.14 -9.63 1.04
CA THR B 239 -8.61 -9.22 -0.26
C THR B 239 -7.41 -8.81 -1.10
N PHE B 240 -7.35 -9.32 -2.34
CA PHE B 240 -6.23 -9.01 -3.20
C PHE B 240 -6.79 -8.59 -4.54
N GLN B 241 -6.49 -7.36 -4.95
CA GLN B 241 -6.97 -6.84 -6.24
C GLN B 241 -8.42 -7.11 -6.40
N ASN B 242 -9.15 -6.66 -5.39
CA ASN B 242 -10.60 -6.75 -5.34
C ASN B 242 -11.15 -8.20 -5.31
N VAL B 243 -10.25 -9.18 -5.18
CA VAL B 243 -10.70 -10.57 -4.99
C VAL B 243 -10.56 -10.95 -3.54
N ASP B 244 -11.69 -11.09 -2.85
CA ASP B 244 -11.64 -11.41 -1.42
C ASP B 244 -11.94 -12.89 -1.22
N ASN B 245 -11.46 -13.46 -0.14
CA ASN B 245 -11.53 -14.92 0.05
C ASN B 245 -12.81 -15.48 0.66
N GLY B 246 -13.81 -14.61 0.83
CA GLY B 246 -15.11 -15.05 1.29
C GLY B 246 -15.23 -15.02 2.81
N PRO B 247 -16.40 -15.42 3.33
CA PRO B 247 -16.70 -15.33 4.79
C PRO B 247 -16.01 -16.41 5.63
N ASN B 248 -15.65 -17.52 5.00
CA ASN B 248 -15.00 -18.63 5.67
C ASN B 248 -13.63 -18.89 5.06
N GLU B 249 -12.87 -17.83 4.90
CA GLU B 249 -11.61 -17.93 4.21
C GLU B 249 -10.67 -18.90 4.94
N GLU B 250 -10.60 -18.83 6.26
CA GLU B 250 -9.72 -19.75 6.99
C GLU B 250 -10.05 -21.21 6.69
N ALA B 251 -11.31 -21.56 6.89
CA ALA B 251 -11.71 -22.94 6.73
C ALA B 251 -11.35 -23.38 5.34
N ASP B 252 -11.53 -22.47 4.41
CA ASP B 252 -11.41 -22.76 2.99
C ASP B 252 -9.95 -22.90 2.64
N ALA B 253 -9.12 -22.09 3.26
CA ALA B 253 -7.71 -22.20 3.04
C ALA B 253 -7.21 -23.56 3.56
N LEU B 254 -7.54 -23.89 4.80
CA LEU B 254 -7.14 -25.16 5.42
C LEU B 254 -7.55 -26.32 4.54
N TYR B 255 -8.76 -26.28 4.00
CA TYR B 255 -9.16 -27.33 3.08
C TYR B 255 -8.24 -27.43 1.86
N LEU B 256 -7.90 -26.30 1.24
CA LEU B 256 -7.08 -26.40 0.02
C LEU B 256 -5.69 -26.99 0.33
N ILE B 257 -5.17 -26.60 1.48
CA ILE B 257 -3.87 -27.00 1.93
C ILE B 257 -3.87 -28.50 2.19
N GLU B 258 -4.95 -29.00 2.80
CA GLU B 258 -5.13 -30.43 2.98
C GLU B 258 -5.02 -31.13 1.64
N GLU B 259 -5.78 -30.66 0.65
CA GLU B 259 -5.70 -31.24 -0.69
C GLU B 259 -4.29 -31.25 -1.27
N LEU B 260 -3.62 -30.11 -1.20
CA LEU B 260 -2.27 -30.00 -1.74
C LEU B 260 -1.27 -30.96 -1.06
N ALA B 261 -1.37 -31.14 0.25
CA ALA B 261 -0.47 -32.07 0.95
C ALA B 261 -0.63 -33.50 0.42
N LYS B 262 -1.83 -33.86 0.00
CA LYS B 262 -2.05 -35.17 -0.60
C LYS B 262 -1.30 -35.40 -1.91
N ARG B 263 -0.90 -34.33 -2.59
CA ARG B 263 -0.15 -34.53 -3.83
C ARG B 263 1.39 -34.48 -3.60
N GLY B 264 1.78 -34.24 -2.36
CA GLY B 264 3.16 -34.11 -1.99
C GLY B 264 3.98 -33.15 -2.80
N ILE B 265 3.44 -31.98 -3.10
CA ILE B 265 4.20 -30.99 -3.83
C ILE B 265 5.33 -30.42 -3.00
N ALA B 266 6.34 -29.90 -3.70
CA ALA B 266 7.53 -29.33 -3.11
C ALA B 266 7.28 -28.21 -2.11
N TYR B 267 6.42 -27.26 -2.43
CA TYR B 267 6.17 -26.21 -1.46
C TYR B 267 4.85 -25.45 -1.56
N LEU B 268 4.48 -24.87 -0.43
CA LEU B 268 3.37 -23.92 -0.28
C LEU B 268 3.88 -22.50 0.00
N HIS B 269 3.59 -21.58 -0.91
CA HIS B 269 4.04 -20.19 -0.80
C HIS B 269 2.83 -19.29 -0.48
N MET B 270 2.79 -18.70 0.71
CA MET B 270 1.62 -17.97 1.16
C MET B 270 1.95 -16.51 1.09
N SER B 271 1.26 -15.81 0.21
CA SER B 271 1.38 -14.35 0.12
C SER B 271 0.41 -13.80 1.18
N GLU B 272 0.92 -13.19 2.24
CA GLU B 272 0.08 -12.95 3.42
C GLU B 272 -0.67 -11.61 3.42
N THR B 273 -0.14 -10.62 2.71
CA THR B 273 -0.80 -9.30 2.68
C THR B 273 -0.75 -8.57 1.35
N ASP B 274 -1.83 -7.83 1.09
CA ASP B 274 -1.97 -6.93 -0.06
C ASP B 274 -0.84 -5.88 -0.06
N LYS B 279 -3.90 -7.32 8.06
CA LYS B 279 -4.51 -8.22 9.02
C LYS B 279 -3.77 -9.54 9.14
N PRO B 280 -2.62 -9.49 9.80
CA PRO B 280 -1.68 -10.60 9.89
C PRO B 280 -2.26 -11.92 10.30
N TYR B 281 -1.60 -12.98 9.87
CA TYR B 281 -1.98 -14.32 10.22
C TYR B 281 -1.84 -14.55 11.73
N SER B 282 -2.86 -15.12 12.36
CA SER B 282 -2.78 -15.61 13.73
C SER B 282 -1.79 -16.78 13.87
N GLU B 283 -1.12 -16.90 15.02
CA GLU B 283 -0.23 -18.05 15.20
C GLU B 283 -1.07 -19.33 15.27
N ALA B 284 -2.31 -19.21 15.73
CA ALA B 284 -3.22 -20.34 15.71
C ALA B 284 -3.43 -20.82 14.28
N PHE B 285 -3.58 -19.88 13.35
CA PHE B 285 -3.78 -20.23 11.97
C PHE B 285 -2.53 -20.82 11.34
N ARG B 286 -1.37 -20.27 11.66
CA ARG B 286 -0.14 -20.75 11.08
C ARG B 286 0.10 -22.17 11.58
N GLN B 287 -0.25 -22.41 12.84
CA GLN B 287 -0.12 -23.75 13.41
C GLN B 287 -0.97 -24.80 12.70
N LYS B 288 -2.17 -24.39 12.30
CA LYS B 288 -3.09 -25.27 11.63
C LYS B 288 -2.58 -25.51 10.23
N VAL B 289 -1.77 -24.58 9.76
CA VAL B 289 -1.28 -24.75 8.40
C VAL B 289 -0.13 -25.74 8.43
N ARG B 290 0.77 -25.55 9.38
CA ARG B 290 1.97 -26.34 9.49
C ARG B 290 1.60 -27.79 9.70
N GLU B 291 0.57 -28.03 10.52
CA GLU B 291 0.09 -29.38 10.79
C GLU B 291 -0.58 -30.03 9.57
N ARG B 292 -1.11 -29.24 8.65
CA ARG B 292 -1.72 -29.85 7.46
C ARG B 292 -0.74 -30.02 6.28
N PHE B 293 0.31 -29.21 6.26
CA PHE B 293 1.26 -29.25 5.15
C PHE B 293 2.65 -29.62 5.65
N HIS B 294 3.14 -30.78 5.24
CA HIS B 294 4.42 -31.27 5.73
C HIS B 294 5.62 -30.78 4.92
N GLY B 295 5.38 -30.47 3.64
CA GLY B 295 6.40 -29.86 2.78
C GLY B 295 6.91 -28.49 3.23
N VAL B 296 7.64 -27.82 2.36
CA VAL B 296 8.21 -26.53 2.64
C VAL B 296 7.11 -25.45 2.62
N ILE B 297 7.18 -24.52 3.57
CA ILE B 297 6.24 -23.42 3.62
C ILE B 297 7.03 -22.13 3.51
N ILE B 298 6.67 -21.33 2.52
CA ILE B 298 7.35 -20.04 2.30
C ILE B 298 6.42 -18.93 2.69
N GLY B 299 6.95 -18.00 3.47
CA GLY B 299 6.16 -16.85 3.85
C GLY B 299 6.57 -15.63 3.06
N ALA B 300 5.64 -14.72 2.82
CA ALA B 300 5.95 -13.49 2.07
C ALA B 300 4.93 -12.39 2.40
N GLY B 301 5.34 -11.12 2.18
CA GLY B 301 4.48 -9.96 2.36
C GLY B 301 4.90 -9.13 3.56
N ALA B 302 5.69 -8.08 3.31
CA ALA B 302 6.20 -7.16 4.32
C ALA B 302 7.10 -7.78 5.40
N TYR B 303 7.73 -8.89 5.07
CA TYR B 303 8.61 -9.53 6.02
C TYR B 303 9.84 -8.67 6.31
N THR B 304 10.40 -8.88 7.50
CA THR B 304 11.74 -8.43 7.88
C THR B 304 12.51 -9.69 8.26
N ALA B 305 13.83 -9.61 8.27
CA ALA B 305 14.65 -10.74 8.66
C ALA B 305 14.22 -11.27 10.02
N GLU B 306 14.05 -10.41 11.00
CA GLU B 306 13.73 -10.94 12.33
C GLU B 306 12.32 -11.54 12.42
N LYS B 307 11.40 -11.12 11.55
CA LYS B 307 10.13 -11.81 11.50
C LYS B 307 10.37 -13.20 10.96
N ALA B 308 11.22 -13.29 9.94
CA ALA B 308 11.53 -14.57 9.32
C ALA B 308 12.19 -15.54 10.31
N GLU B 309 13.30 -15.11 10.91
CA GLU B 309 14.00 -15.90 11.95
C GLU B 309 13.03 -16.33 13.03
N ASP B 310 12.39 -15.34 13.65
CA ASP B 310 11.33 -15.64 14.57
C ASP B 310 10.53 -16.83 14.09
N LEU B 311 9.87 -16.71 12.93
CA LEU B 311 8.93 -17.76 12.49
C LEU B 311 9.58 -19.11 12.12
N ILE B 312 10.73 -19.02 11.47
CA ILE B 312 11.47 -20.21 11.12
C ILE B 312 11.84 -20.98 12.39
N GLY B 313 12.40 -20.27 13.36
CA GLY B 313 12.68 -20.83 14.66
C GLY B 313 11.49 -21.59 15.22
N LYS B 314 10.30 -20.98 15.16
CA LYS B 314 9.09 -21.58 15.73
C LYS B 314 8.60 -22.74 14.89
N GLY B 315 9.30 -23.00 13.79
CA GLY B 315 8.93 -24.07 12.87
C GLY B 315 7.59 -23.92 12.16
N LEU B 316 7.12 -22.69 12.03
CA LEU B 316 5.83 -22.48 11.41
C LEU B 316 5.96 -22.30 9.88
N ILE B 317 7.06 -21.75 9.46
CA ILE B 317 7.38 -21.70 8.05
C ILE B 317 8.82 -22.09 7.91
N ASP B 318 9.26 -22.31 6.67
CA ASP B 318 10.63 -22.74 6.42
C ASP B 318 11.52 -21.72 5.71
N ALA B 319 10.94 -20.83 4.91
CA ALA B 319 11.70 -19.81 4.20
C ALA B 319 10.85 -18.55 4.08
N VAL B 320 11.46 -17.43 3.70
CA VAL B 320 10.73 -16.19 3.43
C VAL B 320 11.11 -15.68 2.07
N ALA B 321 10.14 -15.20 1.31
CA ALA B 321 10.46 -14.48 0.08
C ALA B 321 10.27 -12.97 0.29
N PHE B 322 11.29 -12.21 -0.15
CA PHE B 322 11.31 -10.77 -0.10
C PHE B 322 11.07 -10.23 -1.49
N GLY B 323 10.05 -9.36 -1.60
CA GLY B 323 9.77 -8.72 -2.87
C GLY B 323 10.57 -7.43 -3.11
N ARG B 324 10.06 -6.35 -2.58
CA ARG B 324 10.63 -5.02 -2.89
C ARG B 324 12.06 -4.85 -2.42
N ASP B 325 12.40 -5.39 -1.26
CA ASP B 325 13.79 -5.39 -0.78
C ASP B 325 14.69 -6.08 -1.80
N TYR B 326 14.16 -7.10 -2.47
CA TYR B 326 14.91 -7.74 -3.54
C TYR B 326 15.02 -6.88 -4.79
N ILE B 327 13.96 -6.16 -5.12
CA ILE B 327 14.03 -5.26 -6.27
C ILE B 327 15.26 -4.38 -6.03
N ALA B 328 15.39 -3.91 -4.78
CA ALA B 328 16.33 -2.82 -4.42
C ALA B 328 17.74 -3.24 -3.98
N ASN B 329 17.96 -4.54 -3.79
CA ASN B 329 19.22 -5.08 -3.21
C ASN B 329 19.55 -6.44 -3.75
N PRO B 330 20.41 -6.49 -4.77
CA PRO B 330 20.76 -7.72 -5.47
C PRO B 330 21.47 -8.69 -4.53
N ASP B 331 22.27 -8.13 -3.64
CA ASP B 331 22.95 -8.86 -2.61
C ASP B 331 22.17 -8.78 -1.30
N LEU B 332 20.85 -8.95 -1.35
CA LEU B 332 20.09 -8.95 -0.10
C LEU B 332 20.59 -10.02 0.90
N VAL B 333 21.11 -11.12 0.40
CA VAL B 333 21.58 -12.16 1.32
C VAL B 333 22.78 -11.63 2.15
N ALA B 334 23.76 -11.07 1.47
CA ALA B 334 24.88 -10.43 2.16
C ALA B 334 24.39 -9.40 3.17
N ARG B 335 23.54 -8.48 2.71
CA ARG B 335 23.10 -7.37 3.56
C ARG B 335 22.36 -7.84 4.79
N LEU B 336 21.41 -8.74 4.62
CA LEU B 336 20.72 -9.25 5.80
C LEU B 336 21.73 -9.95 6.76
N GLN B 337 22.67 -10.67 6.19
CA GLN B 337 23.64 -11.40 6.98
C GLN B 337 24.55 -10.45 7.78
N LYS B 338 24.91 -9.31 7.19
CA LYS B 338 25.77 -8.30 7.84
C LYS B 338 24.98 -7.16 8.47
N LYS B 339 23.73 -7.43 8.85
CA LYS B 339 22.86 -6.43 9.46
C LYS B 339 23.17 -5.04 8.92
N ALA B 340 23.39 -4.99 7.61
CA ALA B 340 23.70 -3.77 6.87
C ALA B 340 22.44 -2.98 6.41
N GLU B 341 22.64 -1.77 5.96
CA GLU B 341 21.54 -0.97 5.48
C GLU B 341 21.13 -1.46 4.08
N LEU B 342 19.85 -1.28 3.74
CA LEU B 342 19.39 -1.60 2.39
C LEU B 342 19.29 -0.33 1.54
N ASN B 343 19.51 -0.46 0.24
CA ASN B 343 19.24 0.64 -0.66
C ASN B 343 17.77 1.09 -0.56
N PRO B 344 17.52 2.38 -0.83
CA PRO B 344 16.16 2.92 -0.95
C PRO B 344 15.47 2.43 -2.23
N GLN B 345 14.21 2.05 -2.14
CA GLN B 345 13.47 1.64 -3.33
C GLN B 345 12.96 2.81 -4.18
N ARG B 346 12.87 2.58 -5.49
CA ARG B 346 12.30 3.52 -6.45
C ARG B 346 11.02 2.96 -7.11
N PRO B 347 9.92 3.01 -6.39
CA PRO B 347 8.65 2.42 -6.87
C PRO B 347 8.23 2.90 -8.26
N GLU B 348 8.67 4.07 -8.68
CA GLU B 348 8.30 4.61 -9.99
C GLU B 348 8.87 3.82 -11.17
N SER B 349 9.87 2.96 -10.91
CA SER B 349 10.45 2.15 -11.96
C SER B 349 10.25 0.66 -11.68
N PHE B 350 9.35 0.33 -10.76
CA PHE B 350 8.99 -1.08 -10.58
C PHE B 350 8.49 -1.65 -11.92
N TYR B 351 7.58 -0.93 -12.60
CA TYR B 351 6.94 -1.39 -13.83
C TYR B 351 7.46 -0.70 -15.09
N GLY B 352 7.89 -1.50 -16.07
CA GLY B 352 8.24 -0.99 -17.37
C GLY B 352 9.57 -0.27 -17.37
N GLY B 353 9.96 0.22 -18.54
CA GLY B 353 11.17 1.00 -18.65
C GLY B 353 12.32 0.10 -19.09
N GLY B 354 13.51 0.38 -18.58
CA GLY B 354 14.73 -0.30 -19.01
C GLY B 354 15.65 -0.52 -17.82
N ALA B 355 16.96 -0.38 -18.01
CA ALA B 355 17.93 -0.72 -16.96
C ALA B 355 17.71 0.10 -15.68
N GLU B 356 17.27 1.35 -15.82
CA GLU B 356 17.17 2.24 -14.66
C GLU B 356 16.13 1.76 -13.66
N GLY B 357 16.51 1.66 -12.40
CA GLY B 357 15.63 1.12 -11.37
C GLY B 357 15.36 -0.37 -11.56
N TYR B 358 16.17 -0.99 -12.40
CA TYR B 358 16.07 -2.42 -12.70
C TYR B 358 17.42 -3.11 -12.43
N THR B 359 18.42 -2.74 -13.21
CA THR B 359 19.77 -3.32 -13.02
C THR B 359 20.81 -2.36 -12.40
N ASP B 360 20.35 -1.20 -11.90
CA ASP B 360 21.24 -0.15 -11.41
C ASP B 360 21.23 -0.04 -9.88
N TYR B 361 20.60 -0.97 -9.20
CA TYR B 361 20.69 -0.95 -7.75
C TYR B 361 22.00 -1.65 -7.36
N PRO B 362 22.76 -1.06 -6.43
CA PRO B 362 24.13 -1.52 -6.16
C PRO B 362 24.25 -2.50 -5.00
N SER B 363 25.29 -3.33 -5.05
CA SER B 363 25.68 -4.17 -3.93
C SER B 363 26.45 -3.37 -2.90
N LEU B 364 27.22 -4.08 -2.09
CA LEU B 364 28.11 -3.40 -1.16
C LEU B 364 29.52 -3.28 -1.76
#